data_8PLE
#
_entry.id   8PLE
#
_cell.length_a   62.230
_cell.length_b   103.790
_cell.length_c   134.410
_cell.angle_alpha   90.000
_cell.angle_beta   91.760
_cell.angle_gamma   90.000
#
_symmetry.space_group_name_H-M   'P 1 21 1'
#
loop_
_entity.id
_entity.type
_entity.pdbx_description
1 polymer 'Thioredoxin glutathione reductase'
2 non-polymer 'FLAVIN-ADENINE DINUCLEOTIDE'
3 non-polymer "N-(2-methoxy-5-methylphenyl)-N'-4H-1,2,4-triazol-4-ylurea"
4 water water
#
_entity_poly.entity_id   1
_entity_poly.type   'polypeptide(L)'
_entity_poly.pdbx_seq_one_letter_code
;GPPPADGTSQWLRKTVDSAAVILFSKTTCPYCKKVKDVLAEAKIKHATIELDQLSNGSAIQKCLASFSKIETVPQMFVRG
KFIGDSQTVLKYYSNDELAGIVNESKYDYDLIVIGGGSGGLAAGKEAAKYGAKTAVLDYVEPTPIGTTWGLGGTCVNVGC
IPKKLMHQAGLLSHALEDAEHFGWSLDRSKISHNWSTMVEGVQSHIGSLNWGYKVALRDNQVTYLNAKGRLISPHEVQIT
DKNQKVSTITGNKIILATGERPKYPEIPGAVEYGITSDDLFSLPYFPGKTLVIGASYVALECAGFLASLGGDVTVMVRSI
LLRGFDQQMAEKVGDYMENHGVKFAKLCVPDEIKQLKVVDTENNKPGLLLVKGHYTDGKKFEEEFETVIFAVGREPQLSK
VLCETVGVKLDKNGRVVCTDDEQTTVSNVYAIGDINAGKPQLTPVAIQAGRYLARRLFAGATELTDYSNVATTVFTPLEY
GACGLSEEDAIEKYGDKDIEVYHSNFKPLEWTVAHREDNVCYMKLVCRKSDNMRVLGLHVLGPNAGEITQGYAVAIKMGA
TKADFDRTIGIHPTCSETFTTLHVTKKSGVSPIVSGC
;
_entity_poly.pdbx_strand_id   A,B
#
# COMPACT_ATOMS: atom_id res chain seq x y z
N GLY A 7 9.15 26.26 -4.28
CA GLY A 7 8.42 27.49 -4.46
C GLY A 7 7.06 27.21 -5.02
N THR A 8 6.95 27.20 -6.35
CA THR A 8 5.76 26.67 -6.99
C THR A 8 5.56 25.20 -6.63
N SER A 9 6.65 24.43 -6.54
CA SER A 9 6.54 23.00 -6.30
C SER A 9 6.08 22.69 -4.88
N GLN A 10 6.48 23.51 -3.89
CA GLN A 10 6.03 23.28 -2.53
C GLN A 10 4.56 23.65 -2.35
N TRP A 11 4.09 24.69 -3.05
CA TRP A 11 2.66 24.98 -3.06
C TRP A 11 1.87 23.84 -3.68
N LEU A 12 2.35 23.30 -4.81
CA LEU A 12 1.56 22.29 -5.50
C LEU A 12 1.39 21.05 -4.65
N ARG A 13 2.47 20.62 -3.97
CA ARG A 13 2.37 19.43 -3.13
C ARG A 13 1.47 19.67 -1.92
N LYS A 14 1.52 20.87 -1.34
CA LYS A 14 0.63 21.14 -0.21
C LYS A 14 -0.83 21.12 -0.68
N THR A 15 -1.09 21.69 -1.85
CA THR A 15 -2.47 21.74 -2.38
C THR A 15 -2.99 20.35 -2.72
N VAL A 16 -2.19 19.53 -3.41
CA VAL A 16 -2.66 18.19 -3.78
C VAL A 16 -2.90 17.33 -2.55
N ASP A 17 -2.05 17.46 -1.51
CA ASP A 17 -2.15 16.57 -0.36
C ASP A 17 -3.46 16.78 0.42
N SER A 18 -3.90 18.03 0.58
CA SER A 18 -5.06 18.27 1.46
C SER A 18 -6.36 18.57 0.74
N ALA A 19 -6.35 18.89 -0.56
CA ALA A 19 -7.62 19.06 -1.26
C ALA A 19 -8.41 17.75 -1.26
N ALA A 20 -9.71 17.85 -1.06
CA ALA A 20 -10.52 16.63 -1.07
C ALA A 20 -10.74 16.12 -2.50
N VAL A 21 -11.18 17.00 -3.39
CA VAL A 21 -11.40 16.72 -4.81
C VAL A 21 -11.01 17.98 -5.57
N ILE A 22 -10.04 17.90 -6.47
CA ILE A 22 -9.54 19.08 -7.16
C ILE A 22 -9.25 18.76 -8.62
N LEU A 23 -9.65 19.68 -9.50
CA LEU A 23 -9.48 19.55 -10.94
C LEU A 23 -8.57 20.65 -11.44
N PHE A 24 -7.48 20.26 -12.11
CA PHE A 24 -6.60 21.21 -12.77
C PHE A 24 -7.02 21.36 -14.23
N SER A 25 -7.13 22.61 -14.69
CA SER A 25 -7.99 22.93 -15.81
C SER A 25 -7.47 24.15 -16.55
N LYS A 26 -8.01 24.37 -17.75
CA LYS A 26 -7.88 25.64 -18.47
C LYS A 26 -9.24 26.03 -19.02
N THR A 27 -9.56 27.33 -18.93
CA THR A 27 -10.89 27.83 -19.27
C THR A 27 -11.24 27.56 -20.74
N THR A 28 -10.23 27.43 -21.59
CA THR A 28 -10.38 27.33 -23.04
C THR A 28 -10.31 25.89 -23.54
N CYS A 29 -10.47 24.90 -22.66
CA CYS A 29 -10.27 23.51 -23.03
C CYS A 29 -11.58 22.73 -23.00
N PRO A 30 -12.08 22.22 -24.12
CA PRO A 30 -13.34 21.48 -24.10
C PRO A 30 -13.23 20.10 -23.46
N TYR A 31 -12.02 19.53 -23.37
CA TYR A 31 -11.86 18.31 -22.60
C TYR A 31 -12.05 18.60 -21.10
N CYS A 32 -11.59 19.76 -20.65
CA CYS A 32 -11.85 20.17 -19.27
C CYS A 32 -13.34 20.42 -19.04
N LYS A 33 -14.00 21.10 -19.99
CA LYS A 33 -15.44 21.30 -19.87
C LYS A 33 -16.20 19.98 -19.82
N LYS A 34 -15.74 18.99 -20.60
CA LYS A 34 -16.40 17.69 -20.58
C LYS A 34 -16.28 17.01 -19.22
N VAL A 35 -15.13 17.17 -18.56
CA VAL A 35 -14.99 16.59 -17.22
C VAL A 35 -15.82 17.37 -16.21
N LYS A 36 -15.79 18.71 -16.29
CA LYS A 36 -16.63 19.52 -15.39
C LYS A 36 -18.10 19.10 -15.49
N ASP A 37 -18.55 18.82 -16.72
CA ASP A 37 -19.95 18.49 -16.95
C ASP A 37 -20.32 17.16 -16.28
N VAL A 38 -19.47 16.14 -16.44
CA VAL A 38 -19.70 14.85 -15.78
C VAL A 38 -19.73 15.00 -14.26
N LEU A 39 -18.80 15.79 -13.71
CA LEU A 39 -18.75 15.98 -12.27
C LEU A 39 -20.02 16.64 -11.75
N ALA A 40 -20.51 17.66 -12.47
CA ALA A 40 -21.75 18.33 -12.08
C ALA A 40 -22.94 17.39 -12.12
N GLU A 41 -23.06 16.60 -13.21
CA GLU A 41 -24.21 15.71 -13.34
C GLU A 41 -24.25 14.69 -12.21
N ALA A 42 -23.08 14.24 -11.76
CA ALA A 42 -23.02 13.27 -10.67
C ALA A 42 -23.06 13.93 -9.28
N LYS A 43 -23.25 15.25 -9.22
CA LYS A 43 -23.18 16.02 -7.96
C LYS A 43 -21.90 15.63 -7.19
N ILE A 44 -20.78 15.96 -7.82
CA ILE A 44 -19.48 15.82 -7.17
C ILE A 44 -18.93 17.24 -7.04
N LYS A 45 -18.96 17.79 -5.82
CA LYS A 45 -18.38 19.10 -5.58
C LYS A 45 -16.86 18.98 -5.50
N HIS A 46 -16.17 20.00 -6.01
CA HIS A 46 -14.72 19.98 -6.15
C HIS A 46 -14.18 21.40 -6.31
N ALA A 47 -12.93 21.59 -5.91
CA ALA A 47 -12.24 22.81 -6.25
C ALA A 47 -11.74 22.75 -7.69
N THR A 48 -11.46 23.92 -8.25
CA THR A 48 -10.95 24.03 -9.61
C THR A 48 -9.88 25.10 -9.66
N ILE A 49 -8.78 24.81 -10.35
CA ILE A 49 -7.70 25.78 -10.56
C ILE A 49 -7.50 25.95 -12.06
N GLU A 50 -7.74 27.16 -12.56
CA GLU A 50 -7.63 27.45 -14.00
C GLU A 50 -6.22 27.93 -14.30
N LEU A 51 -5.40 27.03 -14.83
CA LEU A 51 -3.98 27.34 -15.02
C LEU A 51 -3.75 28.53 -15.94
N ASP A 52 -4.65 28.79 -16.88
CA ASP A 52 -4.48 29.90 -17.80
C ASP A 52 -4.77 31.26 -17.17
N GLN A 53 -5.30 31.29 -15.94
CA GLN A 53 -5.53 32.55 -15.22
C GLN A 53 -4.49 32.84 -14.17
N LEU A 54 -3.38 32.09 -14.13
CA LEU A 54 -2.31 32.32 -13.19
C LEU A 54 -1.03 32.66 -13.93
N SER A 55 -0.22 33.54 -13.32
CA SER A 55 0.98 34.03 -14.01
C SER A 55 2.00 32.92 -14.21
N ASN A 56 2.16 32.03 -13.24
CA ASN A 56 3.06 30.89 -13.39
C ASN A 56 2.29 29.59 -13.61
N GLY A 57 1.21 29.63 -14.38
CA GLY A 57 0.49 28.41 -14.71
C GLY A 57 1.35 27.42 -15.47
N SER A 58 2.32 27.91 -16.25
CA SER A 58 3.18 27.02 -17.02
C SER A 58 4.09 26.20 -16.11
N ALA A 59 4.63 26.83 -15.07
CA ALA A 59 5.42 26.09 -14.08
C ALA A 59 4.56 25.04 -13.37
N ILE A 60 3.33 25.41 -12.98
CA ILE A 60 2.47 24.46 -12.28
C ILE A 60 2.16 23.27 -13.17
N GLN A 61 1.90 23.52 -14.46
CA GLN A 61 1.60 22.43 -15.38
C GLN A 61 2.73 21.42 -15.43
N LYS A 62 3.97 21.89 -15.59
CA LYS A 62 5.09 20.96 -15.64
C LYS A 62 5.31 20.28 -14.29
N CYS A 63 4.95 20.94 -13.19
CA CYS A 63 5.15 20.35 -11.87
C CYS A 63 4.13 19.25 -11.58
N LEU A 64 2.93 19.34 -12.16
CA LEU A 64 1.94 18.27 -12.03
C LEU A 64 2.50 16.92 -12.43
N ALA A 65 3.41 16.89 -13.41
CA ALA A 65 3.95 15.62 -13.89
C ALA A 65 4.65 14.85 -12.77
N SER A 66 5.15 15.56 -11.75
CA SER A 66 5.77 14.88 -10.61
C SER A 66 4.80 13.95 -9.91
N PHE A 67 3.49 14.16 -10.07
CA PHE A 67 2.48 13.31 -9.44
C PHE A 67 1.81 12.34 -10.40
N SER A 68 1.60 12.76 -11.65
CA SER A 68 0.77 12.03 -12.60
C SER A 68 1.53 11.43 -13.78
N LYS A 69 2.79 11.80 -13.96
CA LYS A 69 3.59 11.49 -15.15
C LYS A 69 3.02 12.09 -16.43
N ILE A 70 2.08 13.03 -16.34
CA ILE A 70 1.61 13.74 -17.53
C ILE A 70 1.61 15.24 -17.25
N GLU A 71 1.64 16.03 -18.33
CA GLU A 71 1.72 17.49 -18.24
C GLU A 71 0.53 18.20 -18.90
N THR A 72 -0.51 17.48 -19.28
CA THR A 72 -1.67 18.10 -19.92
C THR A 72 -2.77 18.38 -18.89
N VAL A 73 -3.80 19.08 -19.36
CA VAL A 73 -5.03 19.28 -18.59
C VAL A 73 -6.18 18.63 -19.37
N PRO A 74 -7.21 18.11 -18.71
CA PRO A 74 -7.48 18.10 -17.26
C PRO A 74 -6.68 17.07 -16.48
N GLN A 75 -6.48 17.33 -15.20
CA GLN A 75 -5.98 16.35 -14.24
C GLN A 75 -6.85 16.43 -13.00
N MET A 76 -7.37 15.28 -12.56
CA MET A 76 -8.26 15.22 -11.41
C MET A 76 -7.60 14.41 -10.30
N PHE A 77 -7.64 14.93 -9.07
CA PHE A 77 -7.07 14.30 -7.89
C PHE A 77 -8.13 14.12 -6.81
N VAL A 78 -7.99 13.06 -6.02
CA VAL A 78 -8.85 12.82 -4.87
C VAL A 78 -7.96 12.51 -3.68
N ARG A 79 -8.06 13.35 -2.65
CA ARG A 79 -7.37 13.16 -1.38
C ARG A 79 -5.91 12.79 -1.62
N GLY A 80 -5.25 13.55 -2.49
CA GLY A 80 -3.83 13.41 -2.70
C GLY A 80 -3.41 12.45 -3.79
N LYS A 81 -4.35 11.75 -4.43
CA LYS A 81 -4.05 10.70 -5.39
C LYS A 81 -4.57 11.09 -6.77
N PHE A 82 -3.71 10.93 -7.78
CA PHE A 82 -4.09 11.23 -9.16
C PHE A 82 -5.08 10.19 -9.65
N ILE A 83 -6.20 10.65 -10.20
CA ILE A 83 -7.29 9.77 -10.61
C ILE A 83 -7.28 9.54 -12.12
N GLY A 84 -7.12 10.58 -12.92
CA GLY A 84 -7.04 10.36 -14.36
C GLY A 84 -7.16 11.64 -15.15
N ASP A 85 -6.94 11.50 -16.46
CA ASP A 85 -7.21 12.54 -17.44
C ASP A 85 -8.66 12.39 -17.93
N SER A 86 -8.99 13.01 -19.06
CA SER A 86 -10.35 12.98 -19.58
C SER A 86 -10.83 11.55 -19.85
N GLN A 87 -10.09 10.81 -20.68
CA GLN A 87 -10.49 9.43 -21.01
C GLN A 87 -10.75 8.59 -19.76
N THR A 88 -9.86 8.69 -18.76
CA THR A 88 -9.96 7.84 -17.58
C THR A 88 -11.17 8.19 -16.71
N VAL A 89 -11.44 9.48 -16.53
CA VAL A 89 -12.59 9.88 -15.71
C VAL A 89 -13.90 9.39 -16.33
N LEU A 90 -14.05 9.60 -17.64
CA LEU A 90 -15.27 9.17 -18.32
C LEU A 90 -15.43 7.65 -18.25
N LYS A 91 -14.32 6.91 -18.34
CA LYS A 91 -14.35 5.47 -18.18
C LYS A 91 -14.94 5.08 -16.83
N TYR A 92 -14.41 5.67 -15.76
CA TYR A 92 -14.94 5.42 -14.42
C TYR A 92 -16.41 5.78 -14.33
N TYR A 93 -16.81 6.89 -14.97
CA TYR A 93 -18.20 7.31 -14.99
C TYR A 93 -19.11 6.23 -15.58
N SER A 94 -18.88 5.88 -16.85
CA SER A 94 -19.81 4.97 -17.52
C SER A 94 -19.68 3.53 -17.04
N ASN A 95 -18.69 3.20 -16.23
CA ASN A 95 -18.63 1.90 -15.57
C ASN A 95 -19.16 1.95 -14.13
N ASP A 96 -19.74 3.07 -13.70
CA ASP A 96 -20.29 3.21 -12.36
C ASP A 96 -19.24 3.00 -11.27
N GLU A 97 -18.01 3.43 -11.55
CA GLU A 97 -16.94 3.36 -10.57
C GLU A 97 -16.57 4.72 -9.99
N LEU A 98 -17.04 5.82 -10.57
CA LEU A 98 -16.59 7.15 -10.15
C LEU A 98 -17.03 7.45 -8.71
N ALA A 99 -18.29 7.18 -8.38
CA ALA A 99 -18.79 7.50 -7.05
C ALA A 99 -17.93 6.88 -5.96
N GLY A 100 -17.53 5.61 -6.14
CA GLY A 100 -16.71 4.95 -5.13
C GLY A 100 -15.31 5.52 -5.03
N ILE A 101 -14.75 5.95 -6.16
CA ILE A 101 -13.41 6.55 -6.17
C ILE A 101 -13.37 7.81 -5.31
N VAL A 102 -14.34 8.71 -5.52
CA VAL A 102 -14.30 10.03 -4.88
C VAL A 102 -14.73 10.00 -3.42
N ASN A 103 -15.33 8.92 -2.97
CA ASN A 103 -15.68 8.74 -1.57
C ASN A 103 -14.67 7.90 -0.81
N GLU A 104 -13.58 7.51 -1.46
CA GLU A 104 -12.52 6.77 -0.79
C GLU A 104 -11.77 7.67 0.18
N SER A 105 -11.71 7.28 1.45
CA SER A 105 -10.98 8.07 2.43
C SER A 105 -10.47 7.19 3.57
N LYS A 106 -9.28 7.56 4.08
CA LYS A 106 -8.75 6.96 5.29
C LYS A 106 -9.54 7.36 6.54
N TYR A 107 -10.34 8.42 6.47
CA TYR A 107 -11.06 8.96 7.61
C TYR A 107 -12.55 9.07 7.31
N ASP A 108 -13.34 9.22 8.38
CA ASP A 108 -14.77 9.48 8.20
C ASP A 108 -15.00 10.81 7.48
N TYR A 109 -14.23 11.84 7.83
CA TYR A 109 -14.49 13.19 7.34
C TYR A 109 -13.19 13.85 6.88
N ASP A 110 -13.30 14.68 5.84
CA ASP A 110 -12.14 15.50 5.47
C ASP A 110 -11.86 16.56 6.53
N LEU A 111 -12.90 17.01 7.24
CA LEU A 111 -12.82 18.12 8.19
C LEU A 111 -13.83 17.88 9.31
N ILE A 112 -13.38 17.96 10.55
CA ILE A 112 -14.29 18.06 11.69
C ILE A 112 -14.12 19.43 12.32
N VAL A 113 -15.21 20.18 12.46
CA VAL A 113 -15.21 21.44 13.21
C VAL A 113 -15.80 21.21 14.59
N ILE A 114 -15.04 21.53 15.63
CA ILE A 114 -15.56 21.49 17.00
C ILE A 114 -15.99 22.89 17.39
N GLY A 115 -17.30 23.11 17.49
CA GLY A 115 -17.87 24.41 17.82
C GLY A 115 -18.72 24.99 16.71
N GLY A 116 -20.02 25.22 16.97
CA GLY A 116 -20.90 25.74 15.94
C GLY A 116 -21.25 27.23 16.06
N GLY A 117 -20.23 28.11 16.14
CA GLY A 117 -20.44 29.53 16.31
C GLY A 117 -20.05 30.33 15.08
N SER A 118 -19.76 31.63 15.31
CA SER A 118 -19.37 32.52 14.23
C SER A 118 -18.25 31.92 13.37
N GLY A 119 -17.15 31.48 13.99
CA GLY A 119 -16.05 30.95 13.21
C GLY A 119 -16.33 29.56 12.62
N GLY A 120 -16.81 28.64 13.46
CA GLY A 120 -16.95 27.26 13.04
C GLY A 120 -17.97 27.05 11.94
N LEU A 121 -19.10 27.75 12.04
CA LEU A 121 -20.09 27.66 10.96
C LEU A 121 -19.55 28.22 9.66
N ALA A 122 -18.85 29.35 9.72
CA ALA A 122 -18.26 29.94 8.51
C ALA A 122 -17.26 28.98 7.88
N ALA A 123 -16.40 28.38 8.70
CA ALA A 123 -15.38 27.47 8.18
C ALA A 123 -16.02 26.26 7.51
N GLY A 124 -17.04 25.67 8.15
CA GLY A 124 -17.58 24.41 7.66
C GLY A 124 -18.33 24.55 6.35
N LYS A 125 -19.15 25.60 6.22
CA LYS A 125 -19.89 25.82 4.98
C LYS A 125 -18.94 26.11 3.83
N GLU A 126 -17.87 26.87 4.09
CA GLU A 126 -16.91 27.20 3.02
C GLU A 126 -16.15 25.94 2.56
N ALA A 127 -15.73 25.09 3.51
CA ALA A 127 -15.03 23.86 3.15
C ALA A 127 -15.90 22.95 2.30
N ALA A 128 -17.17 22.81 2.66
CA ALA A 128 -18.08 21.92 1.93
C ALA A 128 -18.27 22.35 0.47
N LYS A 129 -18.15 23.65 0.18
CA LYS A 129 -18.28 24.09 -1.22
C LYS A 129 -17.22 23.47 -2.14
N TYR A 130 -16.05 23.08 -1.61
CA TYR A 130 -14.99 22.52 -2.44
C TYR A 130 -14.93 21.00 -2.35
N GLY A 131 -16.01 20.35 -1.92
CA GLY A 131 -16.06 18.91 -1.90
C GLY A 131 -15.56 18.25 -0.64
N ALA A 132 -15.18 19.02 0.38
CA ALA A 132 -14.73 18.41 1.63
C ALA A 132 -15.93 17.83 2.39
N LYS A 133 -15.85 16.55 2.74
CA LYS A 133 -16.89 15.94 3.55
C LYS A 133 -16.71 16.43 4.99
N THR A 134 -17.73 17.12 5.53
CA THR A 134 -17.54 17.98 6.68
C THR A 134 -18.56 17.66 7.77
N ALA A 135 -18.11 17.69 9.02
CA ALA A 135 -18.99 17.60 10.18
C ALA A 135 -18.79 18.81 11.09
N VAL A 136 -19.88 19.37 11.59
CA VAL A 136 -19.86 20.45 12.58
C VAL A 136 -20.52 19.97 13.86
N LEU A 137 -19.80 20.09 14.97
CA LEU A 137 -20.28 19.72 16.29
C LEU A 137 -20.63 20.97 17.07
N ASP A 138 -21.81 20.99 17.69
CA ASP A 138 -22.15 22.10 18.57
C ASP A 138 -22.96 21.60 19.76
N TYR A 139 -22.53 22.03 20.95
CA TYR A 139 -23.21 21.74 22.21
C TYR A 139 -23.15 23.00 23.07
N VAL A 140 -24.25 23.32 23.73
CA VAL A 140 -24.33 24.49 24.60
C VAL A 140 -24.52 23.99 26.04
N GLU A 141 -23.45 24.01 26.82
CA GLU A 141 -23.53 23.68 28.24
C GLU A 141 -24.43 24.67 28.97
N PRO A 142 -25.47 24.22 29.68
CA PRO A 142 -26.40 25.17 30.33
C PRO A 142 -25.69 26.03 31.37
N THR A 143 -26.27 27.22 31.62
CA THR A 143 -25.77 28.08 32.69
C THR A 143 -26.17 27.51 34.05
N PRO A 144 -25.60 28.03 35.16
CA PRO A 144 -25.97 27.51 36.49
C PRO A 144 -27.46 27.48 36.77
N ILE A 145 -28.24 28.47 36.31
CA ILE A 145 -29.70 28.41 36.51
C ILE A 145 -30.40 27.59 35.44
N GLY A 146 -29.69 27.07 34.44
CA GLY A 146 -30.29 26.20 33.44
C GLY A 146 -30.50 26.78 32.04
N THR A 147 -30.10 28.02 31.79
CA THR A 147 -30.33 28.62 30.49
C THR A 147 -29.51 27.92 29.41
N THR A 148 -30.15 27.66 28.27
CA THR A 148 -29.48 27.11 27.09
C THR A 148 -30.13 27.72 25.84
N TRP A 149 -29.57 27.43 24.66
CA TRP A 149 -30.03 28.04 23.40
C TRP A 149 -29.58 27.18 22.22
N GLY A 150 -29.88 27.66 21.00
CA GLY A 150 -29.73 26.89 19.79
C GLY A 150 -28.44 27.16 19.01
N LEU A 151 -28.40 26.64 17.79
CA LEU A 151 -27.21 26.72 16.94
C LEU A 151 -26.85 28.16 16.57
N GLY A 152 -25.56 28.47 16.56
CA GLY A 152 -25.09 29.76 16.07
C GLY A 152 -24.04 30.48 16.90
N GLY A 153 -23.84 30.06 18.15
CA GLY A 153 -22.76 30.61 18.97
C GLY A 153 -23.16 31.82 19.80
N THR A 154 -22.13 32.45 20.40
CA THR A 154 -22.36 33.47 21.43
C THR A 154 -22.97 34.75 20.83
N CYS A 155 -22.45 35.20 19.68
CA CYS A 155 -22.94 36.43 19.06
C CYS A 155 -24.43 36.38 18.77
N VAL A 156 -24.86 35.31 18.10
CA VAL A 156 -26.24 35.13 17.63
C VAL A 156 -27.22 35.03 18.81
N ASN A 157 -26.88 34.24 19.84
CA ASN A 157 -27.81 33.86 20.90
C ASN A 157 -27.70 34.72 22.16
N VAL A 158 -26.48 35.10 22.56
CA VAL A 158 -26.29 35.76 23.86
C VAL A 158 -25.22 36.85 23.73
N GLY A 159 -25.10 37.43 22.52
CA GLY A 159 -24.04 38.38 22.23
C GLY A 159 -24.47 39.55 21.35
N CYS A 160 -23.74 39.79 20.25
CA CYS A 160 -23.94 41.00 19.45
C CYS A 160 -25.39 41.22 19.06
N ILE A 161 -26.10 40.17 18.65
CA ILE A 161 -27.42 40.34 18.05
C ILE A 161 -28.45 40.76 19.12
N PRO A 162 -28.68 39.99 20.20
CA PRO A 162 -29.67 40.48 21.19
C PRO A 162 -29.24 41.76 21.89
N LYS A 163 -27.95 41.99 22.12
CA LYS A 163 -27.62 43.22 22.85
C LYS A 163 -27.81 44.45 21.97
N LYS A 164 -27.56 44.37 20.65
CA LYS A 164 -27.84 45.56 19.85
C LYS A 164 -29.34 45.77 19.63
N LEU A 165 -30.12 44.70 19.60
CA LEU A 165 -31.56 44.88 19.54
C LEU A 165 -32.11 45.56 20.80
N MET A 166 -31.53 45.25 21.95
CA MET A 166 -32.00 45.85 23.20
C MET A 166 -31.48 47.28 23.33
N HIS A 167 -30.25 47.51 22.86
CA HIS A 167 -29.74 48.87 22.66
C HIS A 167 -30.71 49.72 21.84
N GLN A 168 -31.21 49.17 20.72
CA GLN A 168 -32.13 49.93 19.88
C GLN A 168 -33.42 50.25 20.63
N ALA A 169 -33.90 49.30 21.45
CA ALA A 169 -35.09 49.61 22.24
C ALA A 169 -34.82 50.79 23.17
N GLY A 170 -33.60 50.86 23.72
CA GLY A 170 -33.24 52.00 24.55
C GLY A 170 -33.12 53.30 23.77
N LEU A 171 -32.53 53.25 22.57
CA LEU A 171 -32.44 54.45 21.74
C LEU A 171 -33.81 55.00 21.37
N LEU A 172 -34.79 54.12 21.20
CA LEU A 172 -36.12 54.59 20.85
C LEU A 172 -36.74 55.43 21.97
N SER A 173 -36.25 55.28 23.21
CA SER A 173 -36.65 56.17 24.30
C SER A 173 -36.40 57.63 23.95
N HIS A 174 -35.21 57.92 23.42
CA HIS A 174 -34.84 59.31 23.11
C HIS A 174 -35.55 59.79 21.86
N ALA A 175 -35.78 58.90 20.90
CA ALA A 175 -36.58 59.26 19.73
C ALA A 175 -37.97 59.71 20.14
N LEU A 176 -38.60 59.01 21.10
CA LEU A 176 -39.92 59.43 21.56
C LEU A 176 -39.86 60.83 22.16
N GLU A 177 -38.82 61.11 22.96
CA GLU A 177 -38.61 62.43 23.52
C GLU A 177 -38.39 63.46 22.41
N ASP A 178 -37.47 63.17 21.49
CA ASP A 178 -37.15 64.11 20.41
C ASP A 178 -38.38 64.40 19.54
N ALA A 179 -39.31 63.44 19.43
CA ALA A 179 -40.45 63.60 18.54
C ALA A 179 -41.33 64.79 18.93
N GLU A 180 -41.49 65.06 20.23
CA GLU A 180 -42.32 66.21 20.61
C GLU A 180 -41.75 67.52 20.09
N HIS A 181 -40.43 67.70 20.18
CA HIS A 181 -39.83 68.95 19.73
C HIS A 181 -39.96 69.12 18.21
N PHE A 182 -39.96 68.03 17.46
CA PHE A 182 -40.13 68.13 16.02
C PHE A 182 -41.59 68.21 15.59
N GLY A 183 -42.53 68.32 16.55
CA GLY A 183 -43.92 68.61 16.23
C GLY A 183 -44.92 67.47 16.40
N TRP A 184 -44.52 66.27 16.84
CA TRP A 184 -45.47 65.17 17.03
C TRP A 184 -46.19 65.29 18.38
N SER A 185 -47.47 64.86 18.39
CA SER A 185 -48.38 65.16 19.49
C SER A 185 -48.25 64.22 20.71
N LEU A 186 -47.29 63.31 20.75
CA LEU A 186 -47.24 62.37 21.86
C LEU A 186 -46.68 63.03 23.13
N ASP A 187 -46.95 62.39 24.26
CA ASP A 187 -46.46 62.83 25.57
C ASP A 187 -45.56 61.74 26.12
N ARG A 188 -44.24 61.95 26.02
CA ARG A 188 -43.26 60.97 26.45
C ARG A 188 -43.52 60.47 27.88
N SER A 189 -43.90 61.38 28.78
CA SER A 189 -43.99 61.05 30.18
C SER A 189 -45.11 60.06 30.52
N LYS A 190 -46.07 59.82 29.61
CA LYS A 190 -47.12 58.84 29.86
C LYS A 190 -46.87 57.49 29.19
N ILE A 191 -45.66 57.23 28.69
CA ILE A 191 -45.38 56.02 27.95
C ILE A 191 -44.40 55.16 28.75
N SER A 192 -44.66 53.86 28.78
CA SER A 192 -43.85 52.93 29.55
C SER A 192 -43.38 51.79 28.64
N HIS A 193 -42.43 51.01 29.15
CA HIS A 193 -41.83 49.90 28.41
C HIS A 193 -42.23 48.56 29.03
N ASN A 194 -42.48 47.56 28.18
CA ASN A 194 -42.85 46.20 28.62
C ASN A 194 -41.69 45.27 28.25
N TRP A 195 -40.97 44.80 29.27
CA TRP A 195 -39.77 43.98 29.06
C TRP A 195 -40.09 42.69 28.34
N SER A 196 -41.12 41.96 28.78
CA SER A 196 -41.34 40.65 28.21
C SER A 196 -41.78 40.73 26.75
N THR A 197 -42.49 41.79 26.36
CA THR A 197 -42.82 41.98 24.95
C THR A 197 -41.55 42.17 24.10
N MET A 198 -40.59 42.96 24.59
CA MET A 198 -39.31 43.10 23.90
C MET A 198 -38.58 41.77 23.77
N VAL A 199 -38.41 41.05 24.89
CA VAL A 199 -37.72 39.76 24.89
C VAL A 199 -38.39 38.79 23.92
N GLU A 200 -39.72 38.84 23.81
CA GLU A 200 -40.39 37.91 22.88
C GLU A 200 -40.01 38.21 21.43
N GLY A 201 -39.92 39.48 21.06
CA GLY A 201 -39.54 39.80 19.69
C GLY A 201 -38.08 39.51 19.39
N VAL A 202 -37.20 39.75 20.37
CA VAL A 202 -35.78 39.42 20.21
C VAL A 202 -35.60 37.93 20.04
N GLN A 203 -36.25 37.14 20.91
CA GLN A 203 -36.06 35.70 20.87
C GLN A 203 -36.68 35.10 19.62
N SER A 204 -37.73 35.71 19.09
CA SER A 204 -38.29 35.21 17.84
C SER A 204 -37.32 35.42 16.68
N HIS A 205 -36.57 36.55 16.66
CA HIS A 205 -35.56 36.71 15.62
C HIS A 205 -34.40 35.73 15.80
N ILE A 206 -33.92 35.55 17.04
CA ILE A 206 -32.85 34.58 17.30
C ILE A 206 -33.27 33.18 16.83
N GLY A 207 -34.52 32.79 17.08
CA GLY A 207 -34.98 31.50 16.63
C GLY A 207 -34.97 31.36 15.12
N SER A 208 -35.23 32.44 14.39
CA SER A 208 -35.14 32.34 12.94
C SER A 208 -33.68 32.20 12.51
N LEU A 209 -32.72 32.72 13.30
CA LEU A 209 -31.32 32.49 12.99
C LEU A 209 -30.89 31.06 13.28
N ASN A 210 -31.29 30.51 14.45
CA ASN A 210 -31.08 29.10 14.74
C ASN A 210 -31.53 28.23 13.56
N TRP A 211 -32.78 28.42 13.12
CA TRP A 211 -33.33 27.60 12.05
C TRP A 211 -32.59 27.82 10.73
N GLY A 212 -32.26 29.07 10.42
CA GLY A 212 -31.56 29.38 9.18
C GLY A 212 -30.20 28.73 9.07
N TYR A 213 -29.50 28.56 10.20
CA TYR A 213 -28.21 27.86 10.16
C TYR A 213 -28.38 26.37 9.92
N LYS A 214 -29.39 25.75 10.53
CA LYS A 214 -29.62 24.32 10.30
C LYS A 214 -30.00 24.06 8.85
N VAL A 215 -30.81 24.94 8.25
CA VAL A 215 -31.13 24.83 6.84
C VAL A 215 -29.87 25.00 5.99
N ALA A 216 -29.00 25.94 6.37
CA ALA A 216 -27.79 26.19 5.60
C ALA A 216 -26.87 24.97 5.59
N LEU A 217 -26.71 24.32 6.74
CA LEU A 217 -25.84 23.14 6.77
C LEU A 217 -26.44 21.98 5.98
N ARG A 218 -27.76 21.77 6.12
CA ARG A 218 -28.43 20.76 5.28
C ARG A 218 -28.21 21.03 3.79
N ASP A 219 -28.42 22.26 3.35
CA ASP A 219 -28.31 22.59 1.94
C ASP A 219 -26.86 22.57 1.41
N ASN A 220 -25.86 22.53 2.29
CA ASN A 220 -24.46 22.38 1.89
C ASN A 220 -23.93 20.96 2.10
N GLN A 221 -24.80 20.01 2.49
CA GLN A 221 -24.42 18.62 2.75
C GLN A 221 -23.40 18.51 3.88
N VAL A 222 -23.50 19.38 4.88
CA VAL A 222 -22.68 19.32 6.08
C VAL A 222 -23.43 18.53 7.15
N THR A 223 -22.75 17.55 7.76
CA THR A 223 -23.35 16.80 8.86
C THR A 223 -23.32 17.65 10.13
N TYR A 224 -24.49 17.89 10.72
CA TYR A 224 -24.61 18.61 12.00
C TYR A 224 -24.90 17.63 13.13
N LEU A 225 -24.01 17.58 14.13
CA LEU A 225 -24.18 16.75 15.31
C LEU A 225 -24.32 17.65 16.52
N ASN A 226 -25.49 17.64 17.14
CA ASN A 226 -25.70 18.38 18.40
C ASN A 226 -25.12 17.54 19.53
N ALA A 227 -23.80 17.59 19.67
CA ALA A 227 -23.08 16.75 20.62
C ALA A 227 -21.80 17.44 21.05
N LYS A 228 -21.30 17.05 22.22
CA LYS A 228 -20.08 17.61 22.78
C LYS A 228 -18.86 16.84 22.28
N GLY A 229 -17.86 17.57 21.79
CA GLY A 229 -16.69 16.97 21.16
C GLY A 229 -15.45 17.10 22.04
N ARG A 230 -14.56 16.11 21.92
CA ARG A 230 -13.28 16.13 22.62
C ARG A 230 -12.24 15.50 21.71
N LEU A 231 -11.15 16.23 21.46
CA LEU A 231 -10.06 15.72 20.65
C LEU A 231 -9.16 14.84 21.53
N ILE A 232 -9.09 13.56 21.20
CA ILE A 232 -8.33 12.61 22.02
C ILE A 232 -7.04 12.14 21.35
N SER A 233 -6.93 12.29 20.04
CA SER A 233 -5.66 12.14 19.31
C SER A 233 -5.76 13.04 18.10
N PRO A 234 -4.66 13.20 17.34
CA PRO A 234 -4.69 14.18 16.24
C PRO A 234 -5.83 14.01 15.25
N HIS A 235 -6.34 12.80 15.07
CA HIS A 235 -7.40 12.54 14.08
C HIS A 235 -8.68 11.97 14.68
N GLU A 236 -8.75 11.77 15.99
CA GLU A 236 -9.92 11.14 16.62
C GLU A 236 -10.64 12.11 17.56
N VAL A 237 -11.94 12.29 17.33
CA VAL A 237 -12.80 13.13 18.16
C VAL A 237 -13.84 12.27 18.85
N GLN A 238 -13.82 12.27 20.18
CA GLN A 238 -14.84 11.57 20.95
C GLN A 238 -16.07 12.45 21.11
N ILE A 239 -17.25 11.90 20.85
CA ILE A 239 -18.50 12.66 20.91
C ILE A 239 -19.43 12.02 21.93
N THR A 240 -20.19 12.86 22.62
CA THR A 240 -21.19 12.43 23.59
C THR A 240 -22.49 13.14 23.24
N ASP A 241 -23.55 12.35 23.01
CA ASP A 241 -24.82 12.87 22.52
C ASP A 241 -25.79 13.13 23.69
N LYS A 242 -27.01 13.54 23.34
CA LYS A 242 -27.95 13.98 24.37
C LYS A 242 -28.56 12.81 25.15
N ASN A 243 -28.27 11.58 24.76
CA ASN A 243 -28.58 10.39 25.54
C ASN A 243 -27.36 9.80 26.22
N GLN A 244 -26.26 10.55 26.26
CA GLN A 244 -24.99 10.14 26.87
C GLN A 244 -24.36 8.96 26.15
N LYS A 245 -24.74 8.69 24.90
CA LYS A 245 -24.05 7.69 24.10
C LYS A 245 -22.71 8.26 23.64
N VAL A 246 -21.63 7.51 23.87
CA VAL A 246 -20.27 7.94 23.55
C VAL A 246 -19.81 7.16 22.34
N SER A 247 -19.10 7.82 21.43
CA SER A 247 -18.59 7.19 20.22
C SER A 247 -17.44 8.04 19.68
N THR A 248 -16.79 7.58 18.61
CA THR A 248 -15.57 8.19 18.09
C THR A 248 -15.70 8.38 16.58
N ILE A 249 -15.31 9.55 16.08
CA ILE A 249 -15.26 9.81 14.64
C ILE A 249 -13.87 10.31 14.28
N THR A 250 -13.47 10.08 13.03
CA THR A 250 -12.13 10.45 12.58
C THR A 250 -12.23 11.47 11.46
N GLY A 251 -11.21 12.31 11.37
CA GLY A 251 -11.14 13.33 10.34
C GLY A 251 -9.72 13.66 9.98
N ASN A 252 -9.51 14.02 8.72
CA ASN A 252 -8.19 14.44 8.27
C ASN A 252 -7.76 15.74 8.96
N LYS A 253 -8.45 16.84 8.70
CA LYS A 253 -8.17 18.14 9.31
C LYS A 253 -9.16 18.44 10.44
N ILE A 254 -8.68 19.08 11.50
CA ILE A 254 -9.49 19.44 12.66
C ILE A 254 -9.45 20.96 12.82
N ILE A 255 -10.61 21.58 13.02
CA ILE A 255 -10.67 23.00 13.37
C ILE A 255 -11.33 23.13 14.73
N LEU A 256 -10.61 23.73 15.67
CA LEU A 256 -11.15 24.02 17.00
C LEU A 256 -11.73 25.44 16.99
N ALA A 257 -12.99 25.55 17.41
CA ALA A 257 -13.72 26.83 17.34
C ALA A 257 -14.77 26.89 18.45
N THR A 258 -14.35 26.65 19.68
CA THR A 258 -15.27 26.43 20.80
C THR A 258 -15.58 27.70 21.62
N GLY A 259 -14.93 28.83 21.34
CA GLY A 259 -15.30 30.08 22.03
C GLY A 259 -15.02 30.06 23.54
N GLU A 260 -15.71 30.96 24.27
CA GLU A 260 -15.53 31.17 25.70
C GLU A 260 -16.89 31.27 26.39
N ARG A 261 -16.86 31.35 27.72
CA ARG A 261 -18.06 31.55 28.53
C ARG A 261 -17.74 32.52 29.67
N PRO A 262 -18.77 33.12 30.28
CA PRO A 262 -18.51 34.15 31.31
C PRO A 262 -17.86 33.59 32.57
N LYS A 263 -17.02 34.42 33.19
CA LYS A 263 -16.43 34.12 34.51
C LYS A 263 -17.32 34.61 35.65
N TYR A 264 -17.18 33.96 36.81
CA TYR A 264 -17.77 34.39 38.08
C TYR A 264 -16.66 34.70 39.09
N PRO A 265 -16.83 35.70 39.93
CA PRO A 265 -15.87 35.91 41.01
C PRO A 265 -16.05 34.83 42.07
N GLU A 266 -14.96 34.53 42.78
CA GLU A 266 -14.97 33.51 43.82
C GLU A 266 -15.39 34.12 45.16
N ILE A 267 -16.68 34.45 45.26
CA ILE A 267 -17.26 34.94 46.50
C ILE A 267 -18.54 34.15 46.79
N PRO A 268 -18.98 34.11 48.05
CA PRO A 268 -20.21 33.38 48.38
C PRO A 268 -21.44 34.01 47.76
N GLY A 269 -22.34 33.16 47.25
CA GLY A 269 -23.59 33.62 46.66
C GLY A 269 -23.54 33.99 45.20
N ALA A 270 -22.36 34.07 44.58
CA ALA A 270 -22.28 34.59 43.21
C ALA A 270 -22.96 33.65 42.22
N VAL A 271 -22.52 32.38 42.19
CA VAL A 271 -23.10 31.40 41.27
C VAL A 271 -24.55 31.12 41.63
N GLU A 272 -24.86 31.13 42.92
CA GLU A 272 -26.21 30.75 43.37
C GLU A 272 -27.24 31.83 43.06
N TYR A 273 -26.90 33.11 43.27
CA TYR A 273 -27.93 34.15 43.27
C TYR A 273 -27.78 35.22 42.20
N GLY A 274 -26.64 35.29 41.51
CA GLY A 274 -26.45 36.25 40.45
C GLY A 274 -26.60 35.59 39.08
N ILE A 275 -26.57 36.42 38.03
CA ILE A 275 -26.65 35.96 36.64
C ILE A 275 -25.53 36.59 35.82
N THR A 276 -25.45 36.17 34.55
CA THR A 276 -24.55 36.78 33.58
C THR A 276 -25.32 37.16 32.32
N SER A 277 -24.57 37.74 31.37
CA SER A 277 -25.15 38.05 30.08
C SER A 277 -25.76 36.81 29.40
N ASP A 278 -25.19 35.62 29.63
CA ASP A 278 -25.79 34.39 29.07
C ASP A 278 -27.28 34.26 29.45
N ASP A 279 -27.64 34.66 30.67
CA ASP A 279 -29.03 34.59 31.15
C ASP A 279 -29.86 35.81 30.79
N LEU A 280 -29.24 37.00 30.63
CA LEU A 280 -30.00 38.24 30.56
C LEU A 280 -30.88 38.30 29.31
N PHE A 281 -30.38 37.85 28.16
CA PHE A 281 -31.13 38.10 26.92
C PHE A 281 -32.40 37.24 26.77
N SER A 282 -32.65 36.26 27.64
CA SER A 282 -33.93 35.56 27.59
C SER A 282 -34.65 35.57 28.94
N LEU A 283 -34.33 36.50 29.82
CA LEU A 283 -34.90 36.47 31.17
C LEU A 283 -36.41 36.70 31.09
N PRO A 284 -37.23 35.89 31.77
CA PRO A 284 -38.68 36.07 31.65
C PRO A 284 -39.27 37.24 32.45
N TYR A 285 -38.53 37.86 33.39
CA TYR A 285 -38.96 39.03 34.15
C TYR A 285 -38.00 40.20 33.93
N PHE A 286 -38.51 41.43 34.07
CA PHE A 286 -37.64 42.61 34.06
C PHE A 286 -36.69 42.52 35.26
N PRO A 287 -35.39 42.71 35.07
CA PRO A 287 -34.43 42.59 36.20
C PRO A 287 -34.77 43.46 37.41
N GLY A 288 -35.52 44.56 37.25
CA GLY A 288 -35.76 45.51 38.34
C GLY A 288 -34.50 46.28 38.71
N LYS A 289 -34.43 46.67 39.98
CA LYS A 289 -33.24 47.35 40.48
C LYS A 289 -32.02 46.43 40.38
N THR A 290 -30.98 46.88 39.64
CA THR A 290 -29.92 46.02 39.15
C THR A 290 -28.55 46.55 39.51
N LEU A 291 -27.68 45.65 39.97
CA LEU A 291 -26.26 45.93 40.10
C LEU A 291 -25.51 45.16 39.02
N VAL A 292 -24.67 45.89 38.29
CA VAL A 292 -23.76 45.31 37.31
C VAL A 292 -22.37 45.40 37.92
N ILE A 293 -21.71 44.25 38.05
CA ILE A 293 -20.36 44.20 38.60
C ILE A 293 -19.39 44.01 37.44
N GLY A 294 -18.53 45.00 37.23
CA GLY A 294 -17.54 44.96 36.16
C GLY A 294 -17.56 46.22 35.33
N ALA A 295 -16.65 46.28 34.37
CA ALA A 295 -16.47 47.54 33.65
C ALA A 295 -16.06 47.33 32.20
N SER A 296 -16.18 46.12 31.66
CA SER A 296 -15.94 45.82 30.25
C SER A 296 -17.02 46.45 29.38
N TYR A 297 -16.84 46.33 28.06
CA TYR A 297 -17.90 46.79 27.16
C TYR A 297 -19.19 46.00 27.40
N VAL A 298 -19.10 44.72 27.74
CA VAL A 298 -20.32 43.96 28.07
C VAL A 298 -21.04 44.61 29.25
N ALA A 299 -20.30 44.93 30.33
CA ALA A 299 -20.91 45.55 31.50
C ALA A 299 -21.56 46.89 31.17
N LEU A 300 -20.85 47.76 30.44
CA LEU A 300 -21.40 49.10 30.20
C LEU A 300 -22.57 49.07 29.20
N GLU A 301 -22.50 48.20 28.17
CA GLU A 301 -23.59 48.14 27.21
C GLU A 301 -24.88 47.68 27.87
N CYS A 302 -24.77 46.69 28.76
CA CYS A 302 -25.94 46.16 29.45
C CYS A 302 -26.51 47.17 30.45
N ALA A 303 -25.66 47.76 31.29
CA ALA A 303 -26.16 48.79 32.20
C ALA A 303 -26.85 49.90 31.43
N GLY A 304 -26.26 50.30 30.31
CA GLY A 304 -26.82 51.34 29.45
C GLY A 304 -28.21 51.08 28.91
N PHE A 305 -28.47 49.94 28.26
CA PHE A 305 -29.85 49.81 27.77
C PHE A 305 -30.82 49.59 28.93
N LEU A 306 -30.39 48.95 30.02
CA LEU A 306 -31.28 48.75 31.16
C LEU A 306 -31.75 50.07 31.74
N ALA A 307 -30.86 51.07 31.84
CA ALA A 307 -31.27 52.37 32.36
C ALA A 307 -32.23 53.09 31.41
N SER A 308 -31.99 53.00 30.10
CA SER A 308 -32.90 53.60 29.11
C SER A 308 -34.27 52.94 29.09
N LEU A 309 -34.38 51.68 29.51
CA LEU A 309 -35.67 51.01 29.56
C LEU A 309 -36.40 51.26 30.88
N GLY A 310 -35.91 52.20 31.70
CA GLY A 310 -36.57 52.56 32.93
C GLY A 310 -36.01 51.98 34.20
N GLY A 311 -34.88 51.25 34.14
CA GLY A 311 -34.37 50.59 35.33
C GLY A 311 -33.50 51.48 36.20
N ASP A 312 -33.43 51.11 37.47
CA ASP A 312 -32.56 51.75 38.46
C ASP A 312 -31.27 50.93 38.51
N VAL A 313 -30.18 51.47 37.94
CA VAL A 313 -28.98 50.70 37.62
C VAL A 313 -27.75 51.29 38.30
N THR A 314 -26.93 50.40 38.88
CA THR A 314 -25.63 50.74 39.44
C THR A 314 -24.56 49.83 38.84
N VAL A 315 -23.40 50.40 38.54
CA VAL A 315 -22.23 49.68 38.04
C VAL A 315 -21.15 49.80 39.11
N MET A 316 -20.56 48.67 39.52
CA MET A 316 -19.50 48.78 40.53
C MET A 316 -18.17 48.41 39.86
N VAL A 317 -17.24 49.37 39.89
CA VAL A 317 -16.02 49.41 39.10
C VAL A 317 -14.82 49.15 40.02
N ARG A 318 -14.08 48.06 39.74
CA ARG A 318 -12.84 47.76 40.47
C ARG A 318 -11.81 48.88 40.32
N SER A 319 -11.45 49.21 39.08
CA SER A 319 -10.41 50.21 38.85
C SER A 319 -10.81 51.20 37.76
N ILE A 320 -10.76 50.82 36.48
CA ILE A 320 -11.04 51.73 35.38
C ILE A 320 -12.12 51.14 34.47
N LEU A 321 -12.68 52.01 33.61
CA LEU A 321 -13.61 51.60 32.55
C LEU A 321 -12.85 51.21 31.30
N LEU A 322 -13.37 50.19 30.61
CA LEU A 322 -12.89 49.78 29.29
C LEU A 322 -11.37 49.64 29.22
N ARG A 323 -10.81 48.89 30.18
CA ARG A 323 -9.36 48.63 30.19
C ARG A 323 -8.90 48.11 28.84
N GLY A 324 -7.84 48.73 28.31
CA GLY A 324 -7.31 48.40 27.00
C GLY A 324 -7.80 49.28 25.86
N PHE A 325 -8.88 50.03 26.06
CA PHE A 325 -9.33 51.09 25.15
C PHE A 325 -8.77 52.45 25.60
N ASP A 326 -8.72 53.40 24.64
CA ASP A 326 -8.32 54.78 24.92
C ASP A 326 -9.07 55.35 26.12
N GLN A 327 -8.33 55.77 27.15
CA GLN A 327 -8.97 56.10 28.44
C GLN A 327 -9.65 57.46 28.45
N GLN A 328 -9.19 58.43 27.65
CA GLN A 328 -9.96 59.66 27.51
C GLN A 328 -11.36 59.36 26.95
N MET A 329 -11.43 58.57 25.87
CA MET A 329 -12.76 58.19 25.37
C MET A 329 -13.54 57.35 26.37
N ALA A 330 -12.86 56.42 27.08
CA ALA A 330 -13.60 55.60 28.06
C ALA A 330 -14.28 56.47 29.12
N GLU A 331 -13.58 57.49 29.63
CA GLU A 331 -14.15 58.37 30.66
C GLU A 331 -15.30 59.20 30.12
N LYS A 332 -15.21 59.69 28.87
CA LYS A 332 -16.34 60.42 28.28
C LYS A 332 -17.56 59.51 28.12
N VAL A 333 -17.35 58.25 27.73
CA VAL A 333 -18.45 57.29 27.69
C VAL A 333 -19.13 57.20 29.06
N GLY A 334 -18.33 57.06 30.13
CA GLY A 334 -18.91 56.95 31.46
C GLY A 334 -19.62 58.21 31.93
N ASP A 335 -19.01 59.38 31.70
CA ASP A 335 -19.64 60.65 32.05
C ASP A 335 -21.03 60.78 31.44
N TYR A 336 -21.20 60.36 30.18
CA TYR A 336 -22.52 60.49 29.56
C TYR A 336 -23.53 59.56 30.24
N MET A 337 -23.12 58.33 30.55
CA MET A 337 -24.05 57.39 31.20
C MET A 337 -24.50 57.91 32.56
N GLU A 338 -23.56 58.49 33.33
CA GLU A 338 -23.87 59.00 34.65
C GLU A 338 -24.76 60.24 34.58
N ASN A 339 -24.57 61.06 33.54
CA ASN A 339 -25.42 62.23 33.39
C ASN A 339 -26.85 61.83 33.07
N HIS A 340 -27.05 60.67 32.46
CA HIS A 340 -28.37 60.18 32.10
C HIS A 340 -28.87 59.04 33.00
N GLY A 341 -28.41 58.96 34.26
CA GLY A 341 -29.07 58.12 35.25
C GLY A 341 -28.23 57.02 35.87
N VAL A 342 -27.26 56.45 35.13
CA VAL A 342 -26.51 55.32 35.67
C VAL A 342 -25.66 55.77 36.85
N LYS A 343 -25.77 55.05 37.97
CA LYS A 343 -24.94 55.30 39.15
C LYS A 343 -23.68 54.44 39.11
N PHE A 344 -22.55 55.00 39.56
CA PHE A 344 -21.28 54.29 39.57
C PHE A 344 -20.71 54.22 40.99
N ALA A 345 -20.24 53.03 41.38
CA ALA A 345 -19.55 52.82 42.65
C ALA A 345 -18.10 52.56 42.29
N LYS A 346 -17.27 53.61 42.42
CA LYS A 346 -15.90 53.62 41.94
C LYS A 346 -14.97 53.01 42.97
N LEU A 347 -13.90 52.36 42.48
CA LEU A 347 -12.89 51.70 43.32
C LEU A 347 -13.52 50.76 44.35
N CYS A 348 -14.35 49.83 43.86
CA CYS A 348 -15.19 49.01 44.73
C CYS A 348 -15.29 47.58 44.19
N VAL A 349 -15.32 46.60 45.10
CA VAL A 349 -15.45 45.18 44.72
C VAL A 349 -16.42 44.49 45.67
N PRO A 350 -17.06 43.40 45.21
CA PRO A 350 -18.02 42.68 46.05
C PRO A 350 -17.36 41.60 46.91
N ASP A 351 -17.93 41.38 48.10
CA ASP A 351 -17.46 40.34 49.02
C ASP A 351 -18.41 39.17 49.18
N GLU A 352 -19.73 39.39 49.12
CA GLU A 352 -20.68 38.29 49.21
C GLU A 352 -22.05 38.77 48.72
N ILE A 353 -22.84 37.83 48.21
CA ILE A 353 -24.24 38.06 47.85
C ILE A 353 -25.10 37.21 48.78
N LYS A 354 -26.10 37.82 49.41
CA LYS A 354 -27.02 37.13 50.32
C LYS A 354 -28.44 37.15 49.78
N GLN A 355 -29.13 36.02 49.87
CA GLN A 355 -30.49 35.93 49.34
C GLN A 355 -31.52 36.36 50.38
N LEU A 356 -32.34 37.36 50.04
CA LEU A 356 -33.44 37.78 50.89
C LEU A 356 -34.80 37.29 50.41
N LYS A 357 -34.95 37.07 49.10
CA LYS A 357 -36.16 36.49 48.48
C LYS A 357 -35.75 35.60 47.31
N VAL A 358 -36.39 34.44 47.21
CA VAL A 358 -36.21 33.55 46.06
C VAL A 358 -36.95 34.13 44.85
N VAL A 359 -36.41 33.86 43.65
CA VAL A 359 -37.10 34.28 42.41
C VAL A 359 -38.51 33.71 42.39
N ASP A 360 -39.49 34.57 42.10
CA ASP A 360 -40.91 34.19 42.08
C ASP A 360 -41.28 33.78 40.66
N THR A 361 -41.06 32.51 40.34
CA THR A 361 -41.30 32.02 38.99
C THR A 361 -42.79 31.91 38.67
N GLU A 362 -43.67 31.88 39.68
CA GLU A 362 -45.10 31.88 39.40
C GLU A 362 -45.53 33.26 38.91
N ASN A 363 -45.46 34.28 39.78
CA ASN A 363 -45.88 35.64 39.45
C ASN A 363 -44.88 36.39 38.56
N ASN A 364 -43.82 35.73 38.08
CA ASN A 364 -42.90 36.29 37.09
C ASN A 364 -42.21 37.57 37.59
N LYS A 365 -41.54 37.42 38.73
CA LYS A 365 -40.88 38.51 39.44
C LYS A 365 -39.49 38.08 39.87
N PRO A 366 -38.54 39.01 39.88
CA PRO A 366 -37.21 38.68 40.43
C PRO A 366 -37.29 38.50 41.94
N GLY A 367 -36.18 38.04 42.52
CA GLY A 367 -36.07 37.93 43.96
C GLY A 367 -35.53 39.19 44.59
N LEU A 368 -34.73 39.05 45.65
CA LEU A 368 -34.15 40.21 46.32
C LEU A 368 -32.87 39.78 47.02
N LEU A 369 -31.83 40.61 46.91
CA LEU A 369 -30.48 40.25 47.31
C LEU A 369 -29.85 41.36 48.13
N LEU A 370 -28.99 40.98 49.07
CA LEU A 370 -28.15 41.93 49.80
C LEU A 370 -26.70 41.76 49.35
N VAL A 371 -26.11 42.83 48.84
CA VAL A 371 -24.73 42.81 48.34
C VAL A 371 -23.84 43.54 49.34
N LYS A 372 -22.79 42.88 49.81
CA LYS A 372 -21.79 43.49 50.67
C LYS A 372 -20.45 43.57 49.93
N GLY A 373 -19.78 44.72 50.04
CA GLY A 373 -18.47 44.89 49.41
C GLY A 373 -17.60 45.92 50.13
N HIS A 374 -16.49 46.36 49.52
CA HIS A 374 -15.67 47.41 50.11
C HIS A 374 -14.93 48.20 49.05
N TYR A 375 -14.65 49.47 49.38
CA TYR A 375 -13.85 50.39 48.57
C TYR A 375 -12.35 50.22 48.89
N THR A 376 -11.50 50.70 47.98
CA THR A 376 -10.07 50.43 48.14
C THR A 376 -9.49 51.09 49.39
N ASP A 377 -10.14 52.13 49.94
CA ASP A 377 -9.62 52.73 51.16
C ASP A 377 -10.08 51.99 52.41
N GLY A 378 -10.95 50.99 52.26
CA GLY A 378 -11.43 50.18 53.36
C GLY A 378 -12.87 50.40 53.75
N LYS A 379 -13.49 51.53 53.39
CA LYS A 379 -14.88 51.72 53.79
C LYS A 379 -15.77 50.65 53.15
N LYS A 380 -16.98 50.51 53.68
CA LYS A 380 -17.82 49.37 53.37
C LYS A 380 -18.92 49.75 52.39
N PHE A 381 -19.30 48.80 51.53
CA PHE A 381 -20.45 48.90 50.65
C PHE A 381 -21.50 47.89 51.10
N GLU A 382 -22.77 48.32 51.21
CA GLU A 382 -23.89 47.44 51.55
C GLU A 382 -25.19 47.98 50.99
N GLU A 383 -25.87 47.22 50.12
CA GLU A 383 -27.07 47.71 49.46
C GLU A 383 -27.86 46.55 48.89
N GLU A 384 -29.20 46.73 48.80
CA GLU A 384 -30.13 45.72 48.29
C GLU A 384 -30.40 45.92 46.80
N PHE A 385 -30.51 44.80 46.05
CA PHE A 385 -30.85 44.81 44.62
C PHE A 385 -31.73 43.60 44.30
N GLU A 386 -32.54 43.73 43.24
CA GLU A 386 -33.34 42.59 42.78
C GLU A 386 -32.56 41.65 41.86
N THR A 387 -31.58 42.17 41.11
CA THR A 387 -30.77 41.40 40.17
C THR A 387 -29.31 41.83 40.26
N VAL A 388 -28.42 40.87 40.22
CA VAL A 388 -26.97 41.11 40.20
C VAL A 388 -26.39 40.44 38.97
N ILE A 389 -25.80 41.24 38.09
CA ILE A 389 -25.20 40.75 36.84
C ILE A 389 -23.69 40.87 36.95
N PHE A 390 -22.99 39.74 36.80
CA PHE A 390 -21.53 39.74 36.77
C PHE A 390 -21.08 39.85 35.31
N ALA A 391 -20.25 40.86 35.04
CA ALA A 391 -19.56 41.00 33.75
C ALA A 391 -18.08 41.25 34.06
N VAL A 392 -17.39 40.18 34.46
CA VAL A 392 -16.00 40.29 34.94
C VAL A 392 -15.08 39.43 34.09
N GLY A 393 -15.37 39.31 32.79
CA GLY A 393 -14.48 38.66 31.85
C GLY A 393 -15.03 37.32 31.37
N ARG A 394 -14.37 36.80 30.33
CA ARG A 394 -14.71 35.53 29.70
C ARG A 394 -13.46 34.68 29.54
N GLU A 395 -13.65 33.36 29.43
CA GLU A 395 -12.52 32.45 29.40
C GLU A 395 -12.91 31.17 28.68
N PRO A 396 -11.98 30.55 27.95
CA PRO A 396 -12.23 29.23 27.40
C PRO A 396 -11.99 28.18 28.49
N GLN A 397 -12.41 26.97 28.21
CA GLN A 397 -12.09 25.88 29.12
C GLN A 397 -11.69 24.67 28.29
N LEU A 398 -10.50 24.76 27.69
CA LEU A 398 -10.09 23.75 26.73
C LEU A 398 -9.78 22.39 27.35
N SER A 399 -9.68 22.30 28.69
CA SER A 399 -9.54 20.98 29.31
C SER A 399 -10.73 20.09 29.03
N LYS A 400 -11.92 20.68 28.86
CA LYS A 400 -13.12 19.94 28.44
C LYS A 400 -13.15 19.66 26.95
N VAL A 401 -12.24 20.22 26.17
CA VAL A 401 -12.26 20.11 24.72
C VAL A 401 -11.11 19.27 24.19
N LEU A 402 -10.01 19.17 24.91
CA LEU A 402 -8.72 18.86 24.32
C LEU A 402 -7.87 18.10 25.33
N CYS A 403 -7.61 16.82 25.07
CA CYS A 403 -6.71 16.02 25.91
C CYS A 403 -5.28 16.53 25.83
N GLU A 404 -4.63 16.61 27.00
CA GLU A 404 -3.25 17.10 27.06
C GLU A 404 -2.29 16.24 26.27
N THR A 405 -2.59 14.95 26.11
CA THR A 405 -1.68 14.06 25.39
C THR A 405 -1.67 14.30 23.88
N VAL A 406 -2.62 15.07 23.34
CA VAL A 406 -2.62 15.31 21.91
C VAL A 406 -1.41 16.14 21.48
N GLY A 407 -0.97 17.07 22.31
CA GLY A 407 0.18 17.89 21.98
C GLY A 407 -0.08 19.30 21.53
N VAL A 408 -1.27 19.85 21.78
CA VAL A 408 -1.62 21.21 21.36
C VAL A 408 -1.20 22.17 22.47
N LYS A 409 -0.28 23.08 22.14
CA LYS A 409 0.26 24.03 23.10
C LYS A 409 -0.74 25.14 23.41
N LEU A 410 -0.92 25.45 24.69
CA LEU A 410 -1.69 26.60 25.16
C LEU A 410 -0.77 27.62 25.83
N ASP A 411 -1.27 28.87 25.92
CA ASP A 411 -0.55 29.95 26.61
C ASP A 411 -1.03 30.03 28.07
N LYS A 412 -0.60 31.10 28.78
CA LYS A 412 -0.86 31.22 30.22
C LYS A 412 -2.35 31.42 30.51
N ASN A 413 -3.09 32.00 29.58
CA ASN A 413 -4.52 32.20 29.75
C ASN A 413 -5.36 31.04 29.22
N GLY A 414 -4.72 29.98 28.75
CA GLY A 414 -5.48 28.84 28.27
C GLY A 414 -5.97 28.92 26.84
N ARG A 415 -5.40 29.79 26.03
CA ARG A 415 -5.73 29.92 24.61
C ARG A 415 -4.67 29.23 23.75
N VAL A 416 -5.04 28.92 22.50
CA VAL A 416 -4.20 28.08 21.63
C VAL A 416 -3.15 28.94 20.93
N VAL A 417 -1.90 28.52 21.01
CA VAL A 417 -0.80 29.20 20.32
C VAL A 417 -0.79 28.73 18.86
N CYS A 418 -0.93 29.67 17.94
CA CYS A 418 -1.08 29.34 16.52
C CYS A 418 -0.06 30.10 15.72
N THR A 419 0.30 29.54 14.57
CA THR A 419 1.06 30.28 13.56
C THR A 419 0.14 31.28 12.84
N ASP A 420 0.73 32.13 12.02
CA ASP A 420 -0.12 33.10 11.35
C ASP A 420 -1.02 32.48 10.27
N ASP A 421 -1.06 31.16 10.10
CA ASP A 421 -2.04 30.52 9.25
C ASP A 421 -3.00 29.67 10.06
N GLU A 422 -3.10 29.95 11.37
CA GLU A 422 -3.99 29.29 12.32
C GLU A 422 -3.56 27.86 12.68
N GLN A 423 -2.37 27.41 12.27
CA GLN A 423 -1.91 26.06 12.61
C GLN A 423 -1.47 25.95 14.07
N THR A 424 -1.92 24.91 14.76
CA THR A 424 -1.44 24.60 16.11
C THR A 424 -0.10 23.86 16.03
N THR A 425 0.42 23.41 17.19
CA THR A 425 1.65 22.60 17.24
C THR A 425 1.43 21.16 16.77
N VAL A 426 0.19 20.77 16.47
CA VAL A 426 -0.15 19.50 15.84
C VAL A 426 -0.56 19.80 14.42
N SER A 427 0.16 19.23 13.44
CA SER A 427 0.21 19.80 12.10
C SER A 427 -1.14 19.77 11.36
N ASN A 428 -2.04 18.84 11.69
CA ASN A 428 -3.35 18.78 11.04
C ASN A 428 -4.45 19.52 11.80
N VAL A 429 -4.13 20.18 12.93
CA VAL A 429 -5.11 20.78 13.81
C VAL A 429 -4.94 22.29 13.78
N TYR A 430 -6.05 23.00 13.63
CA TYR A 430 -6.07 24.46 13.52
C TYR A 430 -7.02 25.02 14.58
N ALA A 431 -6.89 26.32 14.89
CA ALA A 431 -7.80 27.00 15.83
C ALA A 431 -8.17 28.37 15.29
N ILE A 432 -9.44 28.79 15.48
CA ILE A 432 -9.97 30.06 15.01
C ILE A 432 -10.87 30.69 16.07
N GLY A 433 -11.08 32.01 15.96
CA GLY A 433 -12.04 32.68 16.82
C GLY A 433 -11.44 33.07 18.17
N ASP A 434 -12.29 33.13 19.20
CA ASP A 434 -11.85 33.68 20.48
C ASP A 434 -10.73 32.86 21.15
N ILE A 435 -10.64 31.55 20.88
CA ILE A 435 -9.62 30.73 21.54
C ILE A 435 -8.24 30.82 20.90
N ASN A 436 -8.08 31.60 19.82
CA ASN A 436 -6.79 31.75 19.16
C ASN A 436 -6.02 32.87 19.87
N ALA A 437 -4.95 32.50 20.58
CA ALA A 437 -4.25 33.44 21.48
C ALA A 437 -3.82 34.72 20.78
N GLY A 438 -4.00 35.85 21.46
CA GLY A 438 -3.52 37.14 21.00
C GLY A 438 -4.33 37.82 19.91
N LYS A 439 -5.46 37.16 19.40
CA LYS A 439 -6.21 37.80 18.32
C LYS A 439 -7.37 38.62 18.87
N PRO A 440 -7.82 39.67 18.15
CA PRO A 440 -9.03 40.39 18.59
C PRO A 440 -10.21 39.43 18.66
N GLN A 441 -11.01 39.57 19.70
CA GLN A 441 -12.07 38.61 19.97
C GLN A 441 -13.39 39.20 19.45
N LEU A 442 -13.62 39.03 18.15
CA LEU A 442 -14.72 39.71 17.48
C LEU A 442 -15.34 38.77 16.45
N THR A 443 -16.64 38.93 16.19
CA THR A 443 -17.32 38.02 15.28
C THR A 443 -16.83 38.11 13.84
N PRO A 444 -16.66 39.29 13.23
CA PRO A 444 -16.18 39.32 11.84
C PRO A 444 -14.76 38.79 11.65
N VAL A 445 -13.93 38.85 12.70
CA VAL A 445 -12.59 38.27 12.61
C VAL A 445 -12.68 36.74 12.55
N ALA A 446 -13.52 36.15 13.40
CA ALA A 446 -13.70 34.70 13.40
C ALA A 446 -14.24 34.20 12.06
N ILE A 447 -15.22 34.91 11.51
CA ILE A 447 -15.78 34.58 10.18
C ILE A 447 -14.69 34.67 9.10
N GLN A 448 -13.94 35.78 9.06
CA GLN A 448 -12.89 35.90 8.04
C GLN A 448 -11.82 34.82 8.21
N ALA A 449 -11.36 34.60 9.45
CA ALA A 449 -10.37 33.54 9.70
C ALA A 449 -10.87 32.18 9.20
N GLY A 450 -12.11 31.83 9.55
CA GLY A 450 -12.66 30.53 9.17
C GLY A 450 -12.81 30.35 7.68
N ARG A 451 -13.34 31.36 6.98
CA ARG A 451 -13.52 31.21 5.53
C ARG A 451 -12.18 31.16 4.81
N TYR A 452 -11.22 32.02 5.20
CA TYR A 452 -9.92 32.03 4.53
C TYR A 452 -9.16 30.73 4.78
N LEU A 453 -9.29 30.14 5.97
CA LEU A 453 -8.63 28.87 6.27
C LEU A 453 -9.21 27.71 5.43
N ALA A 454 -10.54 27.63 5.31
CA ALA A 454 -11.14 26.59 4.49
C ALA A 454 -10.67 26.67 3.05
N ARG A 455 -10.50 27.89 2.53
CA ARG A 455 -10.03 28.03 1.14
C ARG A 455 -8.59 27.55 1.00
N ARG A 456 -7.75 27.79 2.01
CA ARG A 456 -6.37 27.33 1.94
C ARG A 456 -6.26 25.82 2.07
N LEU A 457 -7.08 25.20 2.93
CA LEU A 457 -7.01 23.74 3.10
C LEU A 457 -7.54 23.00 1.87
N PHE A 458 -8.62 23.50 1.26
CA PHE A 458 -9.31 22.68 0.27
C PHE A 458 -9.43 23.27 -1.12
N ALA A 459 -8.94 24.50 -1.36
CA ALA A 459 -8.98 25.08 -2.71
C ALA A 459 -7.64 25.67 -3.12
N GLY A 460 -6.56 25.35 -2.43
CA GLY A 460 -5.24 25.83 -2.81
C GLY A 460 -5.01 27.32 -2.68
N ALA A 461 -5.88 28.04 -1.94
CA ALA A 461 -5.67 29.48 -1.74
C ALA A 461 -4.42 29.73 -0.92
N THR A 462 -3.93 30.97 -0.98
CA THR A 462 -2.78 31.37 -0.18
C THR A 462 -3.06 32.54 0.75
N GLU A 463 -4.19 33.23 0.61
CA GLU A 463 -4.42 34.46 1.35
C GLU A 463 -4.56 34.19 2.85
N LEU A 464 -3.90 35.02 3.65
CA LEU A 464 -3.96 34.94 5.10
C LEU A 464 -4.93 36.00 5.64
N THR A 465 -5.45 35.77 6.83
CA THR A 465 -6.22 36.78 7.56
C THR A 465 -5.31 37.84 8.15
N ASP A 466 -5.66 39.13 7.93
CA ASP A 466 -4.91 40.27 8.47
C ASP A 466 -5.58 40.75 9.75
N TYR A 467 -4.91 40.57 10.90
CA TYR A 467 -5.49 40.91 12.19
C TYR A 467 -5.12 42.32 12.68
N SER A 468 -4.47 43.15 11.88
CA SER A 468 -4.06 44.46 12.38
C SER A 468 -5.10 45.54 12.09
N ASN A 469 -5.19 46.51 13.00
CA ASN A 469 -6.03 47.70 12.84
C ASN A 469 -7.49 47.35 12.59
N VAL A 470 -8.01 46.36 13.32
CA VAL A 470 -9.41 45.98 13.19
C VAL A 470 -10.29 46.95 13.97
N ALA A 471 -11.28 47.53 13.29
CA ALA A 471 -12.13 48.53 13.93
C ALA A 471 -13.11 47.88 14.91
N THR A 472 -13.53 48.66 15.91
CA THR A 472 -14.43 48.25 16.98
C THR A 472 -15.52 49.31 17.16
N THR A 473 -16.63 48.91 17.78
CA THR A 473 -17.60 49.89 18.28
C THR A 473 -18.25 49.37 19.56
N VAL A 474 -18.27 50.22 20.58
CA VAL A 474 -18.93 49.94 21.86
C VAL A 474 -20.31 50.59 21.82
N PHE A 475 -21.36 49.78 21.95
CA PHE A 475 -22.73 50.28 21.75
C PHE A 475 -23.37 50.70 23.08
N THR A 476 -22.65 51.60 23.75
CA THR A 476 -23.20 52.30 24.91
C THR A 476 -24.25 53.33 24.46
N PRO A 477 -25.02 53.93 25.39
CA PRO A 477 -26.11 54.84 24.96
C PRO A 477 -25.67 55.96 24.02
N LEU A 478 -24.50 56.56 24.26
CA LEU A 478 -23.76 57.28 23.22
C LEU A 478 -22.59 56.40 22.79
N GLU A 479 -22.57 55.99 21.51
CA GLU A 479 -21.66 54.96 21.01
C GLU A 479 -20.25 55.48 20.77
N TYR A 480 -19.28 54.54 20.83
CA TYR A 480 -17.85 54.84 20.74
C TYR A 480 -17.22 53.91 19.68
N GLY A 481 -16.80 54.50 18.58
CA GLY A 481 -16.15 53.76 17.48
C GLY A 481 -14.67 54.07 17.47
N ALA A 482 -13.84 53.07 17.13
CA ALA A 482 -12.40 53.29 17.09
C ALA A 482 -11.76 52.37 16.05
N CYS A 483 -10.63 52.83 15.51
CA CYS A 483 -9.77 52.01 14.62
C CYS A 483 -8.32 52.45 14.83
N GLY A 484 -7.47 51.51 15.27
CA GLY A 484 -6.06 51.76 15.46
C GLY A 484 -5.65 51.97 16.90
N LEU A 485 -4.57 52.72 17.13
CA LEU A 485 -3.99 52.89 18.47
C LEU A 485 -4.76 53.91 19.31
N SER A 486 -4.86 53.63 20.61
CA SER A 486 -5.24 54.66 21.55
C SER A 486 -4.16 55.74 21.60
N GLU A 487 -4.53 56.91 22.14
CA GLU A 487 -3.55 57.99 22.21
C GLU A 487 -2.38 57.61 23.13
N GLU A 488 -2.65 57.02 24.30
CA GLU A 488 -1.58 56.65 25.23
C GLU A 488 -0.71 55.52 24.69
N ASP A 489 -1.26 54.60 23.88
CA ASP A 489 -0.41 53.59 23.26
C ASP A 489 0.50 54.20 22.18
N ALA A 490 0.00 55.15 21.39
CA ALA A 490 0.84 55.76 20.36
C ALA A 490 2.03 56.49 20.99
N ILE A 491 1.78 57.19 22.09
CA ILE A 491 2.84 57.94 22.77
C ILE A 491 3.87 56.99 23.36
N GLU A 492 3.43 55.89 23.99
CA GLU A 492 4.36 54.91 24.52
C GLU A 492 5.30 54.37 23.46
N LYS A 493 4.81 54.19 22.24
CA LYS A 493 5.57 53.51 21.20
C LYS A 493 6.52 54.44 20.46
N TYR A 494 6.14 55.70 20.29
CA TYR A 494 6.90 56.63 19.47
C TYR A 494 7.39 57.86 20.21
N GLY A 495 6.92 58.10 21.43
CA GLY A 495 7.29 59.29 22.18
C GLY A 495 6.37 60.46 21.90
N ASP A 496 6.19 61.29 22.93
CA ASP A 496 5.24 62.40 22.88
C ASP A 496 5.54 63.40 21.75
N LYS A 497 6.82 63.63 21.46
CA LYS A 497 7.16 64.67 20.48
C LYS A 497 6.91 64.22 19.05
N ASP A 498 6.82 62.92 18.79
CA ASP A 498 6.51 62.43 17.45
C ASP A 498 5.01 62.23 17.23
N ILE A 499 4.15 62.58 18.20
CA ILE A 499 2.70 62.37 18.12
C ILE A 499 1.99 63.72 18.10
N GLU A 500 1.07 63.89 17.14
CA GLU A 500 0.19 65.05 17.05
C GLU A 500 -1.26 64.59 17.08
N VAL A 501 -2.11 65.26 17.86
CA VAL A 501 -3.52 64.90 18.01
C VAL A 501 -4.40 66.06 17.55
N TYR A 502 -5.18 65.82 16.49
CA TYR A 502 -6.20 66.76 16.04
C TYR A 502 -7.56 66.35 16.63
N HIS A 503 -8.33 67.31 17.15
CA HIS A 503 -9.60 66.94 17.80
C HIS A 503 -10.63 68.05 17.69
N SER A 504 -11.89 67.68 17.95
CA SER A 504 -13.01 68.61 17.94
C SER A 504 -14.21 67.99 18.64
N ASN A 505 -14.97 68.85 19.32
CA ASN A 505 -16.35 68.54 19.67
C ASN A 505 -17.25 68.73 18.45
N PHE A 506 -18.45 68.17 18.51
CA PHE A 506 -19.46 68.44 17.49
C PHE A 506 -20.84 68.23 18.07
N LYS A 507 -21.86 68.68 17.31
CA LYS A 507 -23.26 68.57 17.70
C LYS A 507 -24.02 68.04 16.50
N PRO A 508 -24.65 66.86 16.58
CA PRO A 508 -25.46 66.37 15.47
C PRO A 508 -26.58 67.35 15.19
N LEU A 509 -26.85 67.59 13.90
CA LEU A 509 -27.95 68.50 13.54
C LEU A 509 -29.27 68.07 14.16
N GLU A 510 -29.52 66.75 14.19
CA GLU A 510 -30.71 66.17 14.83
C GLU A 510 -30.85 66.56 16.29
N TRP A 511 -29.77 66.95 16.96
CA TRP A 511 -29.83 67.32 18.36
C TRP A 511 -30.21 68.79 18.59
N THR A 512 -30.26 69.62 17.53
CA THR A 512 -30.48 71.06 17.74
C THR A 512 -31.92 71.33 18.13
N VAL A 513 -32.86 70.97 17.24
CA VAL A 513 -34.27 71.19 17.53
C VAL A 513 -34.69 70.40 18.77
N ALA A 514 -34.01 69.28 19.06
CA ALA A 514 -34.38 68.47 20.22
C ALA A 514 -33.78 68.97 21.53
N HIS A 515 -33.03 70.07 21.51
CA HIS A 515 -32.40 70.65 22.72
C HIS A 515 -31.51 69.65 23.47
N ARG A 516 -30.68 68.91 22.73
CA ARG A 516 -29.71 68.03 23.38
C ARG A 516 -28.36 68.77 23.53
N GLU A 517 -27.35 68.06 24.06
CA GLU A 517 -26.15 68.71 24.57
C GLU A 517 -25.24 69.26 23.46
N ASP A 518 -24.58 70.39 23.75
CA ASP A 518 -23.82 71.12 22.74
C ASP A 518 -22.44 70.53 22.50
N ASN A 519 -21.74 70.08 23.53
CA ASN A 519 -20.32 69.75 23.44
C ASN A 519 -20.03 68.42 24.13
N VAL A 520 -20.81 67.39 23.82
CA VAL A 520 -20.57 66.06 24.37
C VAL A 520 -19.92 65.15 23.34
N CYS A 521 -20.47 65.10 22.12
CA CYS A 521 -19.83 64.33 21.06
C CYS A 521 -18.44 64.91 20.77
N TYR A 522 -17.52 64.01 20.39
CA TYR A 522 -16.09 64.30 20.34
C TYR A 522 -15.41 63.35 19.36
N MET A 523 -14.41 63.86 18.62
CA MET A 523 -13.63 62.99 17.76
C MET A 523 -12.17 63.45 17.71
N LYS A 524 -11.26 62.50 17.49
CA LYS A 524 -9.85 62.86 17.37
C LYS A 524 -9.12 61.90 16.42
N LEU A 525 -8.05 62.41 15.82
CA LEU A 525 -7.13 61.62 15.00
C LEU A 525 -5.74 61.68 15.64
N VAL A 526 -5.15 60.52 15.91
CA VAL A 526 -3.83 60.44 16.56
C VAL A 526 -2.80 60.13 15.47
N CYS A 527 -1.85 61.06 15.23
CA CYS A 527 -0.98 61.00 14.05
C CYS A 527 0.51 61.00 14.41
N ARG A 528 1.33 60.45 13.50
CA ARG A 528 2.79 60.34 13.68
C ARG A 528 3.50 61.39 12.82
N LYS A 529 4.17 62.34 13.48
CA LYS A 529 4.77 63.46 12.77
C LYS A 529 5.83 63.00 11.78
N SER A 530 6.75 62.14 12.22
CA SER A 530 7.88 61.73 11.38
C SER A 530 7.49 60.76 10.27
N ASP A 531 6.24 60.32 10.20
CA ASP A 531 5.82 59.45 9.11
C ASP A 531 4.72 60.14 8.31
N ASN A 532 4.99 61.39 7.91
CA ASN A 532 4.13 62.16 7.00
C ASN A 532 2.73 62.35 7.60
N MET A 533 2.68 62.39 8.93
CA MET A 533 1.46 62.57 9.72
C MET A 533 0.46 61.44 9.43
N ARG A 534 1.00 60.22 9.48
CA ARG A 534 0.21 58.99 9.32
C ARG A 534 -0.85 58.90 10.41
N VAL A 535 -2.06 58.50 10.04
CA VAL A 535 -3.12 58.31 11.03
C VAL A 535 -2.88 56.97 11.71
N LEU A 536 -2.46 57.01 12.99
CA LEU A 536 -2.24 55.82 13.82
C LEU A 536 -3.52 55.32 14.46
N GLY A 537 -4.45 56.22 14.80
CA GLY A 537 -5.70 55.85 15.42
C GLY A 537 -6.80 56.88 15.23
N LEU A 538 -8.03 56.40 15.04
CA LEU A 538 -9.22 57.23 14.86
C LEU A 538 -10.24 56.87 15.95
N HIS A 539 -10.86 57.90 16.56
CA HIS A 539 -11.77 57.74 17.71
C HIS A 539 -12.96 58.67 17.57
N VAL A 540 -14.18 58.16 17.83
CA VAL A 540 -15.37 59.00 17.71
C VAL A 540 -16.45 58.56 18.71
N LEU A 541 -17.00 59.53 19.43
CA LEU A 541 -18.10 59.33 20.36
C LEU A 541 -19.31 60.11 19.82
N GLY A 542 -20.39 59.40 19.49
CA GLY A 542 -21.55 60.02 18.90
C GLY A 542 -22.55 59.00 18.36
N PRO A 543 -23.66 59.49 17.84
CA PRO A 543 -24.66 58.56 17.26
C PRO A 543 -24.09 57.82 16.07
N ASN A 544 -24.56 56.57 15.88
CA ASN A 544 -24.21 55.80 14.68
C ASN A 544 -22.70 55.68 14.51
N ALA A 545 -21.97 55.54 15.63
CA ALA A 545 -20.50 55.56 15.60
C ALA A 545 -19.92 54.41 14.79
N GLY A 546 -20.60 53.26 14.76
CA GLY A 546 -20.14 52.15 13.94
C GLY A 546 -20.32 52.41 12.45
N GLU A 547 -21.44 53.02 12.06
CA GLU A 547 -21.59 53.37 10.65
C GLU A 547 -20.54 54.40 10.25
N ILE A 548 -20.22 55.33 11.15
CA ILE A 548 -19.22 56.38 10.86
C ILE A 548 -17.84 55.75 10.69
N THR A 549 -17.45 54.85 11.58
CA THR A 549 -16.08 54.38 11.66
C THR A 549 -15.72 53.41 10.53
N GLN A 550 -16.69 52.58 10.10
CA GLN A 550 -16.36 51.44 9.21
C GLN A 550 -15.59 51.86 7.95
N GLY A 551 -16.09 52.88 7.24
CA GLY A 551 -15.45 53.23 5.98
C GLY A 551 -14.02 53.70 6.15
N TYR A 552 -13.74 54.43 7.24
CA TYR A 552 -12.38 54.91 7.49
C TYR A 552 -11.40 53.76 7.75
N ALA A 553 -11.88 52.57 8.12
CA ALA A 553 -11.00 51.43 8.34
C ALA A 553 -10.33 50.97 7.05
N VAL A 554 -11.03 51.10 5.91
CA VAL A 554 -10.38 50.85 4.63
C VAL A 554 -9.23 51.82 4.40
N ALA A 555 -9.43 53.11 4.71
CA ALA A 555 -8.36 54.08 4.45
C ALA A 555 -7.17 53.89 5.39
N ILE A 556 -7.43 53.52 6.65
CA ILE A 556 -6.32 53.26 7.57
C ILE A 556 -5.55 52.00 7.16
N LYS A 557 -6.27 50.98 6.67
CA LYS A 557 -5.61 49.79 6.14
C LYS A 557 -4.65 50.15 5.02
N MET A 558 -5.02 51.13 4.20
CA MET A 558 -4.23 51.61 3.07
C MET A 558 -3.12 52.59 3.46
N GLY A 559 -3.03 52.98 4.74
CA GLY A 559 -2.01 53.91 5.20
C GLY A 559 -2.38 55.39 5.11
N ALA A 560 -3.62 55.74 5.44
CA ALA A 560 -4.05 57.13 5.29
C ALA A 560 -3.22 58.09 6.15
N THR A 561 -3.00 59.30 5.63
CA THR A 561 -2.36 60.39 6.37
C THR A 561 -3.37 61.48 6.63
N LYS A 562 -2.97 62.45 7.45
CA LYS A 562 -3.80 63.64 7.68
C LYS A 562 -4.08 64.37 6.37
N ALA A 563 -3.10 64.41 5.45
CA ALA A 563 -3.33 65.06 4.17
C ALA A 563 -4.43 64.37 3.37
N ASP A 564 -4.57 63.05 3.52
CA ASP A 564 -5.62 62.34 2.80
C ASP A 564 -7.00 62.71 3.33
N PHE A 565 -7.10 62.93 4.65
CA PHE A 565 -8.35 63.39 5.23
C PHE A 565 -8.68 64.82 4.80
N ASP A 566 -7.66 65.70 4.75
CA ASP A 566 -7.88 67.11 4.37
C ASP A 566 -8.34 67.27 2.93
N ARG A 567 -7.79 66.47 2.00
CA ARG A 567 -8.11 66.64 0.59
C ARG A 567 -9.43 65.98 0.20
N THR A 568 -9.97 65.09 1.04
CA THR A 568 -11.30 64.53 0.81
C THR A 568 -12.38 65.51 1.29
N ILE A 569 -13.44 65.66 0.49
CA ILE A 569 -14.51 66.62 0.80
C ILE A 569 -15.59 65.98 1.67
N GLY A 570 -16.21 66.79 2.53
CA GLY A 570 -17.28 66.30 3.38
C GLY A 570 -18.61 66.10 2.66
N ILE A 571 -19.44 65.23 3.25
CA ILE A 571 -20.86 65.11 2.93
C ILE A 571 -21.63 65.89 3.98
N HIS A 572 -22.51 66.81 3.53
CA HIS A 572 -23.21 67.73 4.44
C HIS A 572 -24.73 67.61 4.27
N PRO A 573 -25.49 67.59 5.38
CA PRO A 573 -25.04 67.58 6.80
C PRO A 573 -24.94 66.16 7.40
N THR A 574 -23.78 65.82 7.98
CA THR A 574 -23.51 64.52 8.63
C THR A 574 -22.61 64.76 9.83
N CYS A 575 -22.61 63.82 10.78
CA CYS A 575 -21.58 63.85 11.82
C CYS A 575 -20.22 63.47 11.26
N SER A 576 -20.17 62.49 10.35
CA SER A 576 -18.88 61.96 9.91
C SER A 576 -18.01 63.03 9.24
N GLU A 577 -18.63 64.03 8.59
CA GLU A 577 -17.86 65.01 7.82
C GLU A 577 -16.87 65.80 8.66
N THR A 578 -17.07 65.84 9.99
CA THR A 578 -16.18 66.62 10.84
C THR A 578 -14.74 66.10 10.80
N PHE A 579 -14.56 64.80 10.47
CA PHE A 579 -13.22 64.26 10.26
C PHE A 579 -12.48 64.89 9.07
N THR A 580 -13.20 65.45 8.09
CA THR A 580 -12.51 65.96 6.90
C THR A 580 -11.95 67.37 7.09
N THR A 581 -12.29 68.06 8.19
CA THR A 581 -11.86 69.45 8.39
C THR A 581 -11.19 69.69 9.75
N LEU A 582 -10.71 68.66 10.42
CA LEU A 582 -10.09 68.85 11.73
C LEU A 582 -8.84 69.73 11.61
N HIS A 583 -8.60 70.57 12.64
CA HIS A 583 -7.44 71.47 12.59
C HIS A 583 -6.87 71.89 13.96
N VAL A 584 -7.66 71.80 15.03
CA VAL A 584 -7.17 72.15 16.36
C VAL A 584 -6.27 71.02 16.88
N THR A 585 -5.05 71.36 17.28
CA THR A 585 -4.15 70.36 17.86
C THR A 585 -4.19 70.44 19.39
N LYS A 586 -3.90 69.31 20.04
CA LYS A 586 -3.82 69.30 21.49
C LYS A 586 -2.65 70.14 22.00
N LYS A 587 -1.52 70.07 21.30
CA LYS A 587 -0.36 70.86 21.70
C LYS A 587 -0.66 72.35 21.70
N SER A 588 -1.51 72.82 20.79
CA SER A 588 -1.79 74.25 20.71
C SER A 588 -2.48 74.76 21.96
N GLY A 589 -3.16 73.89 22.70
CA GLY A 589 -3.97 74.35 23.82
C GLY A 589 -5.26 75.05 23.46
N VAL A 590 -5.58 75.21 22.17
CA VAL A 590 -6.86 75.81 21.78
C VAL A 590 -8.00 74.88 22.15
N SER A 591 -9.13 75.45 22.58
CA SER A 591 -10.30 74.66 22.97
C SER A 591 -10.91 73.92 21.78
N PRO A 592 -11.32 72.66 21.96
CA PRO A 592 -12.01 71.93 20.89
C PRO A 592 -13.51 72.17 20.80
N ILE A 593 -14.10 72.99 21.68
CA ILE A 593 -15.53 73.23 21.57
C ILE A 593 -15.83 74.06 20.33
N VAL A 594 -17.08 73.98 19.88
CA VAL A 594 -17.50 74.57 18.61
C VAL A 594 -18.33 75.84 18.80
N GLY B 7 43.24 -50.02 -36.99
CA GLY B 7 42.36 -48.87 -37.13
C GLY B 7 41.00 -49.27 -37.64
N THR B 8 40.79 -49.12 -38.95
CA THR B 8 39.61 -49.69 -39.59
C THR B 8 39.47 -51.18 -39.26
N SER B 9 40.59 -51.88 -39.13
CA SER B 9 40.54 -53.32 -38.87
C SER B 9 39.88 -53.63 -37.54
N GLN B 10 40.27 -52.91 -36.47
CA GLN B 10 39.74 -53.21 -35.15
C GLN B 10 38.28 -52.77 -35.02
N TRP B 11 37.87 -51.69 -35.67
CA TRP B 11 36.46 -51.32 -35.70
C TRP B 11 35.63 -52.44 -36.30
N LEU B 12 36.10 -53.00 -37.42
CA LEU B 12 35.33 -54.03 -38.12
C LEU B 12 35.16 -55.27 -37.27
N ARG B 13 36.24 -55.73 -36.63
CA ARG B 13 36.17 -56.90 -35.75
C ARG B 13 35.16 -56.69 -34.64
N LYS B 14 35.19 -55.52 -34.00
CA LYS B 14 34.28 -55.23 -32.91
C LYS B 14 32.84 -55.23 -33.39
N THR B 15 32.60 -54.62 -34.56
CA THR B 15 31.25 -54.56 -35.11
C THR B 15 30.70 -55.94 -35.42
N VAL B 16 31.52 -56.80 -36.06
CA VAL B 16 31.06 -58.12 -36.45
C VAL B 16 30.79 -59.00 -35.23
N ASP B 17 31.68 -58.96 -34.23
CA ASP B 17 31.51 -59.85 -33.07
C ASP B 17 30.29 -59.47 -32.23
N SER B 18 29.83 -58.22 -32.29
CA SER B 18 28.78 -57.74 -31.40
C SER B 18 27.41 -57.62 -32.06
N ALA B 19 27.33 -57.29 -33.35
CA ALA B 19 26.05 -57.17 -34.01
C ALA B 19 25.30 -58.50 -33.99
N ALA B 20 23.99 -58.43 -33.80
CA ALA B 20 23.19 -59.65 -33.85
C ALA B 20 22.97 -60.10 -35.29
N VAL B 21 22.53 -59.18 -36.16
CA VAL B 21 22.34 -59.46 -37.59
C VAL B 21 22.73 -58.20 -38.35
N ILE B 22 23.77 -58.30 -39.20
CA ILE B 22 24.28 -57.11 -39.90
C ILE B 22 24.61 -57.44 -41.35
N LEU B 23 24.18 -56.55 -42.26
CA LEU B 23 24.37 -56.67 -43.70
C LEU B 23 25.32 -55.57 -44.16
N PHE B 24 26.42 -55.96 -44.82
CA PHE B 24 27.31 -55.01 -45.47
C PHE B 24 26.89 -54.85 -46.93
N SER B 25 26.66 -53.60 -47.34
CA SER B 25 25.91 -53.34 -48.56
C SER B 25 26.43 -52.10 -49.27
N LYS B 26 25.89 -51.86 -50.47
CA LYS B 26 26.04 -50.61 -51.20
C LYS B 26 24.69 -50.23 -51.78
N THR B 27 24.39 -48.92 -51.77
CA THR B 27 23.07 -48.45 -52.18
C THR B 27 22.80 -48.69 -53.66
N THR B 28 23.86 -48.82 -54.46
CA THR B 28 23.73 -48.97 -55.90
C THR B 28 23.59 -50.42 -56.35
N CYS B 29 23.96 -51.39 -55.53
CA CYS B 29 23.97 -52.79 -55.94
C CYS B 29 22.58 -53.40 -55.88
N PRO B 30 22.06 -53.96 -56.98
CA PRO B 30 20.75 -54.61 -56.92
C PRO B 30 20.76 -55.99 -56.28
N TYR B 31 21.91 -56.65 -56.21
CA TYR B 31 21.99 -57.87 -55.41
C TYR B 31 21.78 -57.57 -53.93
N CYS B 32 22.22 -56.39 -53.48
CA CYS B 32 21.97 -55.98 -52.11
C CYS B 32 20.49 -55.75 -51.86
N LYS B 33 19.82 -55.07 -52.79
CA LYS B 33 18.38 -54.85 -52.67
C LYS B 33 17.63 -56.18 -52.68
N LYS B 34 18.12 -57.15 -53.46
CA LYS B 34 17.50 -58.48 -53.47
C LYS B 34 17.60 -59.14 -52.11
N VAL B 35 18.71 -58.95 -51.39
CA VAL B 35 18.84 -59.53 -50.07
C VAL B 35 18.03 -58.75 -49.04
N LYS B 36 18.05 -57.42 -49.13
CA LYS B 36 17.23 -56.60 -48.24
C LYS B 36 15.77 -56.99 -48.32
N ASP B 37 15.27 -57.22 -49.54
CA ASP B 37 13.86 -57.57 -49.71
C ASP B 37 13.52 -58.89 -49.04
N VAL B 38 14.39 -59.89 -49.21
CA VAL B 38 14.15 -61.20 -48.61
C VAL B 38 14.10 -61.10 -47.08
N LEU B 39 15.04 -60.37 -46.49
CA LEU B 39 15.05 -60.20 -45.04
C LEU B 39 13.79 -59.49 -44.56
N ALA B 40 13.32 -58.49 -45.30
CA ALA B 40 12.10 -57.78 -44.92
C ALA B 40 10.87 -58.68 -45.01
N GLU B 41 10.79 -59.49 -46.06
CA GLU B 41 9.64 -60.39 -46.21
C GLU B 41 9.60 -61.43 -45.10
N ALA B 42 10.76 -61.99 -44.73
CA ALA B 42 10.82 -62.93 -43.63
C ALA B 42 10.72 -62.26 -42.26
N LYS B 43 10.53 -60.94 -42.22
CA LYS B 43 10.46 -60.17 -40.97
C LYS B 43 11.70 -60.41 -40.11
N ILE B 44 12.87 -60.26 -40.73
CA ILE B 44 14.16 -60.38 -40.06
C ILE B 44 14.73 -58.97 -39.93
N LYS B 45 14.76 -58.45 -38.70
CA LYS B 45 15.38 -57.15 -38.43
C LYS B 45 16.89 -57.29 -38.35
N HIS B 46 17.59 -56.21 -38.72
CA HIS B 46 19.05 -56.23 -38.86
C HIS B 46 19.56 -54.81 -39.04
N ALA B 47 20.85 -54.64 -38.78
CA ALA B 47 21.59 -53.42 -39.09
C ALA B 47 22.17 -53.50 -40.51
N THR B 48 22.43 -52.32 -41.10
CA THR B 48 22.96 -52.24 -42.45
C THR B 48 24.04 -51.18 -42.52
N ILE B 49 25.17 -51.52 -43.14
CA ILE B 49 26.29 -50.59 -43.35
C ILE B 49 26.43 -50.37 -44.86
N GLU B 50 26.20 -49.14 -45.31
CA GLU B 50 26.32 -48.79 -46.73
C GLU B 50 27.75 -48.32 -47.03
N LEU B 51 28.54 -49.17 -47.67
CA LEU B 51 29.96 -48.87 -47.83
C LEU B 51 30.21 -47.68 -48.76
N ASP B 52 29.33 -47.45 -49.75
CA ASP B 52 29.49 -46.33 -50.65
C ASP B 52 29.21 -44.97 -49.99
N GLN B 53 28.93 -44.95 -48.69
CA GLN B 53 28.62 -43.72 -47.98
C GLN B 53 29.61 -43.42 -46.86
N LEU B 54 30.72 -44.14 -46.79
CA LEU B 54 31.70 -43.96 -45.73
C LEU B 54 33.03 -43.52 -46.31
N SER B 55 33.74 -42.66 -45.58
CA SER B 55 35.04 -42.17 -45.99
C SER B 55 35.94 -43.31 -46.48
N ASN B 56 36.14 -44.32 -45.65
CA ASN B 56 37.02 -45.41 -46.01
C ASN B 56 36.26 -46.72 -46.23
N GLY B 57 35.21 -46.69 -47.05
CA GLY B 57 34.49 -47.89 -47.38
C GLY B 57 35.31 -48.91 -48.16
N SER B 58 36.20 -48.43 -49.04
CA SER B 58 37.06 -49.35 -49.78
C SER B 58 38.01 -50.10 -48.85
N ALA B 59 38.47 -49.45 -47.78
CA ALA B 59 39.30 -50.16 -46.80
C ALA B 59 38.51 -51.23 -46.07
N ILE B 60 37.27 -50.92 -45.68
CA ILE B 60 36.43 -51.88 -44.95
C ILE B 60 36.15 -53.09 -45.84
N GLN B 61 35.79 -52.83 -47.11
CA GLN B 61 35.45 -53.87 -48.05
C GLN B 61 36.55 -54.93 -48.13
N LYS B 62 37.80 -54.50 -48.09
CA LYS B 62 38.92 -55.44 -48.14
C LYS B 62 39.13 -56.15 -46.81
N CYS B 63 38.82 -55.49 -45.68
CA CYS B 63 38.97 -56.16 -44.39
C CYS B 63 37.91 -57.23 -44.15
N LEU B 64 36.75 -57.11 -44.82
CA LEU B 64 35.74 -58.17 -44.72
C LEU B 64 36.29 -59.52 -45.14
N ALA B 65 37.28 -59.54 -46.05
CA ALA B 65 37.82 -60.80 -46.53
C ALA B 65 38.45 -61.61 -45.40
N SER B 66 38.93 -60.96 -44.33
CA SER B 66 39.51 -61.68 -43.20
C SER B 66 38.49 -62.56 -42.49
N PHE B 67 37.20 -62.28 -42.63
CA PHE B 67 36.15 -63.13 -42.06
C PHE B 67 35.50 -64.04 -43.09
N SER B 68 35.32 -63.56 -44.33
CA SER B 68 34.49 -64.22 -45.33
C SER B 68 35.28 -64.85 -46.46
N LYS B 69 36.54 -64.45 -46.63
CA LYS B 69 37.41 -64.83 -47.74
C LYS B 69 36.92 -64.25 -49.07
N ILE B 70 35.96 -63.32 -49.05
CA ILE B 70 35.54 -62.60 -50.24
C ILE B 70 35.58 -61.10 -49.96
N GLU B 71 35.74 -60.31 -51.02
CA GLU B 71 35.84 -58.86 -50.93
C GLU B 71 34.65 -58.15 -51.54
N THR B 72 33.59 -58.87 -51.85
CA THR B 72 32.48 -58.33 -52.59
C THR B 72 31.29 -58.07 -51.66
N VAL B 73 30.22 -57.51 -52.23
CA VAL B 73 29.06 -57.04 -51.49
C VAL B 73 27.80 -57.52 -52.21
N PRO B 74 26.77 -58.02 -51.50
CA PRO B 74 26.54 -58.03 -50.04
C PRO B 74 27.20 -59.15 -49.26
N GLN B 75 27.45 -58.89 -47.97
CA GLN B 75 27.88 -59.91 -47.02
C GLN B 75 27.00 -59.82 -45.78
N MET B 76 26.50 -60.98 -45.33
CA MET B 76 25.58 -61.07 -44.20
C MET B 76 26.25 -61.84 -43.06
N PHE B 77 26.19 -61.28 -41.85
CA PHE B 77 26.72 -61.92 -40.65
C PHE B 77 25.62 -62.05 -39.60
N VAL B 78 25.71 -63.12 -38.81
CA VAL B 78 24.83 -63.33 -37.67
C VAL B 78 25.71 -63.63 -36.47
N ARG B 79 25.58 -62.81 -35.42
CA ARG B 79 26.29 -63.00 -34.15
C ARG B 79 27.75 -63.39 -34.35
N GLY B 80 28.44 -62.69 -35.25
CA GLY B 80 29.87 -62.90 -35.45
C GLY B 80 30.26 -63.88 -36.53
N LYS B 81 29.29 -64.52 -37.19
CA LYS B 81 29.54 -65.59 -38.15
C LYS B 81 29.13 -65.14 -39.55
N PHE B 82 30.02 -65.31 -40.52
CA PHE B 82 29.67 -65.01 -41.90
C PHE B 82 28.67 -66.05 -42.40
N ILE B 83 27.58 -65.58 -43.00
CA ILE B 83 26.46 -66.44 -43.39
C ILE B 83 26.44 -66.72 -44.88
N GLY B 84 26.68 -65.71 -45.72
CA GLY B 84 26.73 -65.94 -47.14
C GLY B 84 26.64 -64.67 -47.95
N ASP B 85 26.98 -64.80 -49.23
CA ASP B 85 26.75 -63.74 -50.20
C ASP B 85 25.31 -63.83 -50.70
N SER B 86 25.02 -63.23 -51.86
CA SER B 86 23.64 -63.22 -52.36
C SER B 86 23.13 -64.64 -52.61
N GLN B 87 23.80 -65.39 -53.50
CA GLN B 87 23.33 -66.74 -53.83
C GLN B 87 23.09 -67.58 -52.58
N THR B 88 24.01 -67.55 -51.61
CA THR B 88 23.90 -68.42 -50.45
C THR B 88 22.71 -68.04 -49.58
N VAL B 89 22.44 -66.74 -49.43
CA VAL B 89 21.29 -66.31 -48.63
C VAL B 89 19.99 -66.79 -49.24
N LEU B 90 19.81 -66.60 -50.56
CA LEU B 90 18.56 -67.09 -51.16
C LEU B 90 18.46 -68.60 -51.12
N LYS B 91 19.60 -69.32 -51.20
CA LYS B 91 19.58 -70.77 -50.99
C LYS B 91 18.95 -71.12 -49.65
N TYR B 92 19.40 -70.45 -48.58
CA TYR B 92 18.86 -70.71 -47.24
C TYR B 92 17.37 -70.38 -47.17
N TYR B 93 16.97 -69.29 -47.83
CA TYR B 93 15.56 -68.88 -47.84
C TYR B 93 14.69 -69.88 -48.59
N SER B 94 15.18 -70.38 -49.73
CA SER B 94 14.39 -71.29 -50.55
C SER B 94 14.28 -72.67 -49.93
N ASN B 95 15.28 -73.09 -49.16
CA ASN B 95 15.24 -74.38 -48.46
C ASN B 95 14.67 -74.30 -47.05
N ASP B 96 14.06 -73.17 -46.68
CA ASP B 96 13.45 -72.99 -45.35
C ASP B 96 14.49 -73.18 -44.23
N GLU B 97 15.70 -72.69 -44.46
CA GLU B 97 16.79 -72.80 -43.50
C GLU B 97 17.15 -71.48 -42.83
N LEU B 98 16.61 -70.35 -43.32
CA LEU B 98 17.06 -69.04 -42.87
C LEU B 98 16.68 -68.77 -41.41
N ALA B 99 15.42 -69.05 -41.04
CA ALA B 99 14.95 -68.68 -39.71
C ALA B 99 15.81 -69.31 -38.62
N GLY B 100 16.15 -70.59 -38.77
CA GLY B 100 16.98 -71.26 -37.78
C GLY B 100 18.39 -70.70 -37.70
N ILE B 101 18.93 -70.23 -38.83
CA ILE B 101 20.28 -69.69 -38.82
C ILE B 101 20.32 -68.35 -38.09
N VAL B 102 19.34 -67.47 -38.38
CA VAL B 102 19.36 -66.15 -37.77
C VAL B 102 18.89 -66.14 -36.32
N ASN B 103 18.32 -67.23 -35.83
CA ASN B 103 17.91 -67.32 -34.44
C ASN B 103 18.85 -68.14 -33.57
N GLU B 104 19.87 -68.79 -34.15
CA GLU B 104 20.75 -69.61 -33.33
C GLU B 104 21.71 -68.70 -32.55
N SER B 105 21.81 -68.93 -31.25
CA SER B 105 22.58 -68.09 -30.36
C SER B 105 23.06 -68.91 -29.16
N LYS B 106 24.22 -68.53 -28.64
CA LYS B 106 24.74 -69.14 -27.43
C LYS B 106 23.93 -68.76 -26.20
N TYR B 107 23.07 -67.75 -26.30
CA TYR B 107 22.39 -67.13 -25.16
C TYR B 107 20.89 -67.02 -25.46
N ASP B 108 20.10 -66.92 -24.39
CA ASP B 108 18.66 -66.67 -24.57
C ASP B 108 18.41 -65.35 -25.30
N TYR B 109 19.13 -64.29 -24.89
CA TYR B 109 18.93 -62.96 -25.43
C TYR B 109 20.25 -62.35 -25.88
N ASP B 110 20.20 -61.52 -26.93
CA ASP B 110 21.37 -60.70 -27.25
C ASP B 110 21.61 -59.62 -26.20
N LEU B 111 20.53 -59.13 -25.57
CA LEU B 111 20.61 -58.04 -24.60
C LEU B 111 19.58 -58.26 -23.50
N ILE B 112 20.01 -58.13 -22.26
CA ILE B 112 19.09 -58.05 -21.13
C ILE B 112 19.30 -56.70 -20.46
N VAL B 113 18.21 -55.94 -20.30
CA VAL B 113 18.21 -54.68 -19.58
C VAL B 113 17.55 -54.90 -18.23
N ILE B 114 18.29 -54.66 -17.15
CA ILE B 114 17.74 -54.69 -15.80
C ILE B 114 17.36 -53.25 -15.43
N GLY B 115 16.05 -52.98 -15.35
CA GLY B 115 15.57 -51.65 -15.04
C GLY B 115 14.74 -51.05 -16.17
N GLY B 116 13.45 -50.85 -15.94
CA GLY B 116 12.58 -50.33 -16.98
C GLY B 116 12.23 -48.85 -16.85
N GLY B 117 13.25 -47.99 -16.73
CA GLY B 117 13.07 -46.56 -16.67
C GLY B 117 13.58 -45.78 -17.87
N SER B 118 13.94 -44.52 -17.64
CA SER B 118 14.33 -43.61 -18.70
C SER B 118 15.40 -44.21 -19.60
N GLY B 119 16.55 -44.59 -19.00
CA GLY B 119 17.63 -45.13 -19.80
C GLY B 119 17.34 -46.53 -20.32
N GLY B 120 16.79 -47.39 -19.47
CA GLY B 120 16.63 -48.79 -19.84
C GLY B 120 15.65 -49.00 -20.99
N LEU B 121 14.50 -48.30 -20.96
CA LEU B 121 13.55 -48.43 -22.05
C LEU B 121 14.12 -47.89 -23.35
N ALA B 122 14.80 -46.73 -23.30
CA ALA B 122 15.45 -46.19 -24.49
C ALA B 122 16.45 -47.17 -25.06
N ALA B 123 17.36 -47.68 -24.22
CA ALA B 123 18.34 -48.66 -24.67
C ALA B 123 17.66 -49.86 -25.32
N GLY B 124 16.66 -50.43 -24.64
CA GLY B 124 16.07 -51.67 -25.12
C GLY B 124 15.34 -51.50 -26.45
N LYS B 125 14.60 -50.40 -26.60
CA LYS B 125 13.89 -50.16 -27.85
C LYS B 125 14.86 -49.94 -29.00
N GLU B 126 15.95 -49.21 -28.76
CA GLU B 126 16.89 -48.93 -29.83
C GLU B 126 17.62 -50.19 -30.28
N ALA B 127 17.97 -51.08 -29.33
CA ALA B 127 18.67 -52.30 -29.68
C ALA B 127 17.80 -53.19 -30.57
N ALA B 128 16.52 -53.36 -30.20
CA ALA B 128 15.61 -54.19 -30.97
C ALA B 128 15.49 -53.74 -32.43
N LYS B 129 15.70 -52.45 -32.72
CA LYS B 129 15.54 -51.97 -34.10
C LYS B 129 16.57 -52.62 -35.04
N TYR B 130 17.73 -52.99 -34.52
CA TYR B 130 18.80 -53.57 -35.33
C TYR B 130 18.82 -55.09 -35.23
N GLY B 131 17.72 -55.70 -34.80
CA GLY B 131 17.63 -57.14 -34.77
C GLY B 131 18.15 -57.82 -33.53
N ALA B 132 18.56 -57.07 -32.51
CA ALA B 132 18.97 -57.69 -31.26
C ALA B 132 17.75 -58.25 -30.51
N LYS B 133 17.85 -59.51 -30.07
CA LYS B 133 16.79 -60.11 -29.27
C LYS B 133 16.92 -59.61 -27.83
N THR B 134 15.91 -58.88 -27.35
CA THR B 134 16.05 -58.06 -26.15
C THR B 134 14.99 -58.38 -25.11
N ALA B 135 15.39 -58.38 -23.85
CA ALA B 135 14.48 -58.46 -22.72
C ALA B 135 14.68 -57.25 -21.82
N VAL B 136 13.57 -56.67 -21.35
CA VAL B 136 13.60 -55.57 -20.38
C VAL B 136 12.91 -56.04 -19.10
N LEU B 137 13.62 -55.98 -17.99
CA LEU B 137 13.10 -56.35 -16.69
C LEU B 137 12.79 -55.08 -15.90
N ASP B 138 11.60 -55.03 -15.28
CA ASP B 138 11.26 -53.93 -14.39
C ASP B 138 10.44 -54.42 -13.21
N TYR B 139 10.79 -53.95 -12.02
CA TYR B 139 10.09 -54.23 -10.78
C TYR B 139 10.16 -52.98 -9.90
N VAL B 140 9.03 -52.62 -9.30
CA VAL B 140 8.94 -51.45 -8.42
C VAL B 140 8.73 -51.95 -7.00
N GLU B 141 9.81 -52.00 -6.21
CA GLU B 141 9.71 -52.32 -4.80
C GLU B 141 8.90 -51.26 -4.06
N PRO B 142 7.87 -51.65 -3.30
CA PRO B 142 6.98 -50.64 -2.68
C PRO B 142 7.66 -49.81 -1.60
N THR B 143 7.09 -48.62 -1.38
CA THR B 143 7.59 -47.74 -0.33
C THR B 143 7.20 -48.34 1.02
N PRO B 144 7.73 -47.79 2.13
CA PRO B 144 7.31 -48.29 3.47
C PRO B 144 5.80 -48.33 3.70
N ILE B 145 5.03 -47.37 3.18
CA ILE B 145 3.58 -47.42 3.38
C ILE B 145 2.92 -48.19 2.26
N GLY B 146 3.71 -48.80 1.36
CA GLY B 146 3.18 -49.68 0.34
C GLY B 146 2.85 -49.07 -1.01
N THR B 147 3.27 -47.84 -1.29
CA THR B 147 2.99 -47.26 -2.60
C THR B 147 3.76 -47.99 -3.69
N THR B 148 3.09 -48.23 -4.83
CA THR B 148 3.69 -48.84 -6.00
C THR B 148 3.13 -48.15 -7.25
N TRP B 149 3.71 -48.46 -8.42
CA TRP B 149 3.31 -47.81 -9.69
C TRP B 149 3.83 -48.64 -10.87
N GLY B 150 3.53 -48.17 -12.09
CA GLY B 150 3.69 -48.96 -13.30
C GLY B 150 5.01 -48.73 -14.02
N LEU B 151 5.06 -49.24 -15.26
CA LEU B 151 6.28 -49.21 -16.05
C LEU B 151 6.63 -47.79 -16.49
N GLY B 152 7.93 -47.48 -16.44
CA GLY B 152 8.44 -46.23 -16.98
C GLY B 152 9.52 -45.54 -16.14
N GLY B 153 9.69 -45.96 -14.88
CA GLY B 153 10.77 -45.41 -14.07
C GLY B 153 10.40 -44.20 -13.24
N THR B 154 11.43 -43.58 -12.63
CA THR B 154 11.19 -42.54 -11.63
C THR B 154 10.58 -41.28 -12.25
N CYS B 155 11.11 -40.85 -13.40
CA CYS B 155 10.64 -39.62 -14.02
C CYS B 155 9.16 -39.69 -14.37
N VAL B 156 8.75 -40.77 -15.04
CA VAL B 156 7.37 -40.91 -15.52
C VAL B 156 6.39 -40.95 -14.34
N ASN B 157 6.69 -41.76 -13.32
CA ASN B 157 5.73 -42.07 -12.26
C ASN B 157 5.85 -41.20 -11.02
N VAL B 158 7.07 -40.89 -10.56
CA VAL B 158 7.22 -40.18 -9.28
C VAL B 158 8.29 -39.10 -9.37
N GLY B 159 8.46 -38.50 -10.55
CA GLY B 159 9.50 -37.50 -10.75
C GLY B 159 9.10 -36.36 -11.67
N CYS B 160 9.90 -36.13 -12.75
CA CYS B 160 9.74 -34.94 -13.58
C CYS B 160 8.32 -34.73 -14.06
N ILE B 161 7.60 -35.80 -14.41
CA ILE B 161 6.30 -35.65 -15.04
C ILE B 161 5.26 -35.20 -14.01
N PRO B 162 4.96 -35.95 -12.93
CA PRO B 162 3.97 -35.43 -11.97
C PRO B 162 4.39 -34.14 -11.30
N LYS B 163 5.70 -33.94 -11.07
CA LYS B 163 6.10 -32.75 -10.34
C LYS B 163 5.90 -31.49 -11.20
N LYS B 164 6.15 -31.57 -12.51
CA LYS B 164 5.92 -30.39 -13.33
C LYS B 164 4.43 -30.13 -13.53
N LEU B 165 3.61 -31.20 -13.54
CA LEU B 165 2.17 -30.99 -13.65
C LEU B 165 1.59 -30.33 -12.40
N MET B 166 2.10 -30.67 -11.20
CA MET B 166 1.65 -29.94 -10.00
C MET B 166 2.26 -28.53 -9.92
N HIS B 167 3.50 -28.35 -10.39
CA HIS B 167 4.04 -27.00 -10.59
C HIS B 167 3.10 -26.16 -11.44
N GLN B 168 2.60 -26.72 -12.56
CA GLN B 168 1.69 -25.95 -13.42
C GLN B 168 0.40 -25.58 -12.68
N ALA B 169 -0.14 -26.50 -11.88
CA ALA B 169 -1.32 -26.20 -11.09
C ALA B 169 -1.06 -25.02 -10.16
N GLY B 170 0.14 -24.97 -9.59
CA GLY B 170 0.50 -23.84 -8.76
C GLY B 170 0.64 -22.55 -9.57
N LEU B 171 1.32 -22.61 -10.72
CA LEU B 171 1.44 -21.44 -11.58
C LEU B 171 0.07 -20.87 -11.95
N LEU B 172 -0.95 -21.73 -12.06
CA LEU B 172 -2.23 -21.19 -12.50
C LEU B 172 -2.91 -20.36 -11.42
N SER B 173 -2.50 -20.47 -10.15
CA SER B 173 -3.07 -19.54 -9.16
C SER B 173 -2.65 -18.11 -9.44
N HIS B 174 -1.40 -17.89 -9.87
CA HIS B 174 -0.97 -16.54 -10.25
C HIS B 174 -1.67 -16.08 -11.54
N ALA B 175 -1.89 -17.00 -12.48
CA ALA B 175 -2.65 -16.63 -13.67
C ALA B 175 -4.05 -16.14 -13.30
N LEU B 176 -4.71 -16.81 -12.35
CA LEU B 176 -6.04 -16.38 -11.89
C LEU B 176 -5.99 -14.96 -11.32
N GLU B 177 -4.95 -14.66 -10.53
CA GLU B 177 -4.78 -13.31 -9.99
C GLU B 177 -4.50 -12.29 -11.09
N ASP B 178 -3.54 -12.61 -11.97
CA ASP B 178 -3.20 -11.71 -13.08
C ASP B 178 -4.43 -11.39 -13.94
N ALA B 179 -5.32 -12.37 -14.15
CA ALA B 179 -6.41 -12.18 -15.10
C ALA B 179 -7.34 -11.05 -14.70
N GLU B 180 -7.46 -10.77 -13.40
CA GLU B 180 -8.27 -9.63 -12.96
C GLU B 180 -7.73 -8.32 -13.50
N HIS B 181 -6.41 -8.12 -13.37
CA HIS B 181 -5.80 -6.88 -13.84
C HIS B 181 -5.87 -6.73 -15.35
N PHE B 182 -5.87 -7.83 -16.09
CA PHE B 182 -6.00 -7.76 -17.53
C PHE B 182 -7.46 -7.65 -17.99
N GLY B 183 -8.41 -7.46 -17.08
CA GLY B 183 -9.78 -7.14 -17.43
C GLY B 183 -10.82 -8.26 -17.26
N TRP B 184 -10.43 -9.46 -16.83
CA TRP B 184 -11.38 -10.55 -16.63
C TRP B 184 -12.12 -10.40 -15.29
N SER B 185 -13.37 -10.85 -15.27
CA SER B 185 -14.31 -10.52 -14.18
C SER B 185 -14.30 -11.52 -13.03
N LEU B 186 -13.28 -12.35 -12.89
CA LEU B 186 -13.30 -13.30 -11.79
C LEU B 186 -12.78 -12.65 -10.50
N ASP B 187 -13.06 -13.30 -9.38
CA ASP B 187 -12.55 -12.88 -8.07
C ASP B 187 -11.71 -13.99 -7.46
N ARG B 188 -10.39 -13.82 -7.53
CA ARG B 188 -9.46 -14.84 -7.04
C ARG B 188 -9.71 -15.19 -5.58
N SER B 189 -10.14 -14.23 -4.76
CA SER B 189 -10.33 -14.47 -3.34
C SER B 189 -11.39 -15.53 -3.04
N LYS B 190 -12.30 -15.81 -3.97
CA LYS B 190 -13.35 -16.80 -3.71
C LYS B 190 -13.17 -18.11 -4.50
N ILE B 191 -11.94 -18.42 -4.91
CA ILE B 191 -11.65 -19.65 -5.62
C ILE B 191 -10.69 -20.49 -4.77
N SER B 192 -10.96 -21.80 -4.70
CA SER B 192 -10.15 -22.74 -3.93
C SER B 192 -9.68 -23.88 -4.83
N HIS B 193 -8.76 -24.70 -4.31
CA HIS B 193 -8.18 -25.82 -5.04
C HIS B 193 -8.58 -27.18 -4.43
N ASN B 194 -8.82 -28.17 -5.29
CA ASN B 194 -9.19 -29.53 -4.87
C ASN B 194 -8.05 -30.49 -5.20
N TRP B 195 -7.32 -30.90 -4.17
CA TRP B 195 -6.17 -31.80 -4.31
C TRP B 195 -6.52 -33.08 -5.06
N SER B 196 -7.57 -33.76 -4.63
CA SER B 196 -7.85 -35.07 -5.20
C SER B 196 -8.28 -34.98 -6.67
N THR B 197 -8.97 -33.92 -7.07
CA THR B 197 -9.27 -33.71 -8.49
C THR B 197 -7.97 -33.59 -9.31
N MET B 198 -7.02 -32.79 -8.83
CA MET B 198 -5.71 -32.69 -9.47
C MET B 198 -5.03 -34.06 -9.59
N VAL B 199 -4.89 -34.76 -8.45
CA VAL B 199 -4.20 -36.04 -8.43
C VAL B 199 -4.84 -37.02 -9.42
N GLU B 200 -6.18 -37.00 -9.52
CA GLU B 200 -6.84 -37.89 -10.47
C GLU B 200 -6.41 -37.60 -11.92
N GLY B 201 -6.34 -36.31 -12.29
CA GLY B 201 -5.92 -35.98 -13.65
C GLY B 201 -4.46 -36.32 -13.90
N VAL B 202 -3.61 -36.08 -12.90
CA VAL B 202 -2.19 -36.42 -13.03
C VAL B 202 -2.04 -37.93 -13.21
N GLN B 203 -2.69 -38.71 -12.35
CA GLN B 203 -2.55 -40.15 -12.41
C GLN B 203 -3.12 -40.75 -13.69
N SER B 204 -4.16 -40.14 -14.24
CA SER B 204 -4.69 -40.64 -15.51
C SER B 204 -3.68 -40.44 -16.63
N HIS B 205 -2.94 -39.32 -16.63
CA HIS B 205 -1.89 -39.15 -17.63
C HIS B 205 -0.74 -40.14 -17.41
N ILE B 206 -0.30 -40.32 -16.15
CA ILE B 206 0.77 -41.28 -15.90
C ILE B 206 0.35 -42.67 -16.38
N GLY B 207 -0.92 -43.03 -16.15
CA GLY B 207 -1.42 -44.30 -16.61
C GLY B 207 -1.40 -44.44 -18.12
N SER B 208 -1.63 -43.34 -18.85
CA SER B 208 -1.49 -43.44 -20.30
C SER B 208 -0.04 -43.68 -20.68
N LEU B 209 0.91 -43.19 -19.88
CA LEU B 209 2.31 -43.45 -20.21
C LEU B 209 2.73 -44.89 -19.88
N ASN B 210 2.27 -45.43 -18.75
CA ASN B 210 2.50 -46.85 -18.44
C ASN B 210 2.05 -47.73 -19.61
N TRP B 211 0.82 -47.54 -20.08
CA TRP B 211 0.29 -48.35 -21.17
C TRP B 211 1.07 -48.12 -22.46
N GLY B 212 1.42 -46.86 -22.74
CA GLY B 212 2.18 -46.55 -23.95
C GLY B 212 3.52 -47.27 -24.01
N TYR B 213 4.19 -47.42 -22.87
CA TYR B 213 5.47 -48.12 -22.86
C TYR B 213 5.31 -49.62 -23.09
N LYS B 214 4.25 -50.23 -22.53
CA LYS B 214 4.00 -51.64 -22.81
C LYS B 214 3.65 -51.88 -24.28
N VAL B 215 2.87 -50.96 -24.87
CA VAL B 215 2.57 -51.09 -26.30
C VAL B 215 3.83 -50.92 -27.13
N ALA B 216 4.69 -49.96 -26.75
CA ALA B 216 5.92 -49.73 -27.50
C ALA B 216 6.82 -50.96 -27.49
N LEU B 217 6.96 -51.61 -26.33
CA LEU B 217 7.81 -52.78 -26.23
C LEU B 217 7.26 -53.93 -27.06
N ARG B 218 5.95 -54.18 -26.97
CA ARG B 218 5.31 -55.21 -27.79
C ARG B 218 5.57 -54.99 -29.27
N ASP B 219 5.32 -53.77 -29.75
CA ASP B 219 5.45 -53.48 -31.18
C ASP B 219 6.91 -53.42 -31.66
N ASN B 220 7.88 -53.54 -30.76
CA ASN B 220 9.29 -53.66 -31.14
C ASN B 220 9.82 -55.07 -30.91
N GLN B 221 8.94 -56.02 -30.57
CA GLN B 221 9.32 -57.41 -30.28
C GLN B 221 10.30 -57.51 -29.11
N VAL B 222 10.13 -56.67 -28.09
CA VAL B 222 10.92 -56.74 -26.86
C VAL B 222 10.14 -57.52 -25.82
N THR B 223 10.79 -58.48 -25.16
CA THR B 223 10.16 -59.22 -24.06
C THR B 223 10.19 -58.37 -22.79
N TYR B 224 9.01 -58.12 -22.21
CA TYR B 224 8.89 -57.38 -20.95
C TYR B 224 8.52 -58.35 -19.84
N LEU B 225 9.38 -58.44 -18.82
CA LEU B 225 9.10 -59.24 -17.64
C LEU B 225 8.99 -58.30 -16.45
N ASN B 226 7.83 -58.29 -15.80
CA ASN B 226 7.63 -57.54 -14.57
C ASN B 226 8.18 -58.39 -13.43
N ALA B 227 9.51 -58.34 -13.29
CA ALA B 227 10.23 -59.26 -12.41
C ALA B 227 11.51 -58.58 -11.90
N LYS B 228 11.92 -58.97 -10.69
CA LYS B 228 13.13 -58.43 -10.07
C LYS B 228 14.34 -59.23 -10.56
N GLY B 229 15.31 -58.54 -11.15
CA GLY B 229 16.49 -59.17 -11.72
C GLY B 229 17.73 -59.00 -10.87
N ARG B 230 18.66 -59.93 -11.01
CA ARG B 230 19.91 -59.96 -10.24
C ARG B 230 20.98 -60.63 -11.08
N LEU B 231 22.10 -59.95 -11.30
CA LEU B 231 23.20 -60.48 -12.09
C LEU B 231 24.08 -61.36 -11.20
N ILE B 232 24.12 -62.66 -11.50
CA ILE B 232 24.87 -63.60 -10.67
C ILE B 232 26.18 -64.06 -11.32
N SER B 233 26.30 -63.93 -12.63
CA SER B 233 27.56 -64.13 -13.32
C SER B 233 27.54 -63.22 -14.54
N PRO B 234 28.68 -63.05 -15.24
CA PRO B 234 28.71 -62.10 -16.37
C PRO B 234 27.56 -62.23 -17.37
N HIS B 235 27.02 -63.44 -17.58
CA HIS B 235 25.97 -63.65 -18.58
C HIS B 235 24.68 -64.22 -18.02
N GLU B 236 24.59 -64.45 -16.72
CA GLU B 236 23.42 -65.07 -16.11
C GLU B 236 22.67 -64.07 -15.24
N VAL B 237 21.36 -63.96 -15.45
CA VAL B 237 20.50 -63.07 -14.69
C VAL B 237 19.43 -63.91 -14.02
N GLN B 238 19.38 -63.85 -12.69
CA GLN B 238 18.36 -64.52 -11.90
C GLN B 238 17.15 -63.61 -11.75
N ILE B 239 15.96 -64.16 -12.01
CA ILE B 239 14.73 -63.38 -11.98
C ILE B 239 13.76 -64.00 -10.99
N THR B 240 12.95 -63.15 -10.37
CA THR B 240 11.94 -63.53 -9.40
C THR B 240 10.64 -62.83 -9.77
N ASP B 241 9.58 -63.61 -9.98
CA ASP B 241 8.33 -63.06 -10.48
C ASP B 241 7.38 -62.76 -9.31
N LYS B 242 6.13 -62.41 -9.64
CA LYS B 242 5.17 -61.97 -8.64
C LYS B 242 4.69 -63.10 -7.74
N ASN B 243 5.05 -64.35 -8.03
CA ASN B 243 4.78 -65.49 -7.16
C ASN B 243 6.05 -65.99 -6.49
N GLN B 244 7.11 -65.18 -6.47
CA GLN B 244 8.44 -65.61 -6.03
C GLN B 244 8.86 -66.91 -6.69
N LYS B 245 8.48 -67.09 -7.95
CA LYS B 245 9.06 -68.13 -8.78
C LYS B 245 10.42 -67.65 -9.28
N VAL B 246 11.48 -68.42 -9.01
CA VAL B 246 12.84 -68.03 -9.32
C VAL B 246 13.32 -68.82 -10.53
N SER B 247 13.97 -68.14 -11.47
CA SER B 247 14.54 -68.80 -12.64
C SER B 247 15.74 -68.01 -13.13
N THR B 248 16.35 -68.49 -14.22
CA THR B 248 17.61 -67.93 -14.72
C THR B 248 17.53 -67.79 -16.24
N ILE B 249 17.93 -66.62 -16.75
CA ILE B 249 18.03 -66.38 -18.19
C ILE B 249 19.42 -65.87 -18.48
N THR B 250 19.87 -66.07 -19.71
CA THR B 250 21.22 -65.69 -20.10
C THR B 250 21.17 -64.68 -21.24
N GLY B 251 22.22 -63.88 -21.31
CA GLY B 251 22.30 -62.85 -22.33
C GLY B 251 23.74 -62.56 -22.70
N ASN B 252 23.95 -62.16 -23.95
CA ASN B 252 25.28 -61.78 -24.40
C ASN B 252 25.74 -60.47 -23.73
N LYS B 253 25.02 -59.37 -23.99
CA LYS B 253 25.30 -58.08 -23.37
C LYS B 253 24.29 -57.78 -22.26
N ILE B 254 24.75 -57.15 -21.19
CA ILE B 254 23.91 -56.80 -20.05
C ILE B 254 23.99 -55.29 -19.86
N ILE B 255 22.84 -54.63 -19.66
CA ILE B 255 22.81 -53.21 -19.30
C ILE B 255 22.14 -53.06 -17.94
N LEU B 256 22.89 -52.54 -16.96
CA LEU B 256 22.33 -52.17 -15.68
C LEU B 256 21.74 -50.76 -15.74
N ALA B 257 20.46 -50.62 -15.37
CA ALA B 257 19.79 -49.32 -15.43
C ALA B 257 18.74 -49.20 -14.32
N THR B 258 19.12 -49.47 -13.09
CA THR B 258 18.17 -49.67 -12.00
C THR B 258 17.87 -48.43 -11.16
N GLY B 259 18.57 -47.31 -11.39
CA GLY B 259 18.13 -46.08 -10.74
C GLY B 259 18.47 -46.00 -9.25
N GLU B 260 17.75 -45.11 -8.55
CA GLU B 260 17.93 -44.86 -7.12
C GLU B 260 16.55 -44.72 -6.47
N ARG B 261 16.54 -44.60 -5.14
CA ARG B 261 15.34 -44.38 -4.36
C ARG B 261 15.65 -43.40 -3.22
N PRO B 262 14.63 -42.76 -2.64
CA PRO B 262 14.90 -41.76 -1.60
C PRO B 262 15.51 -42.36 -0.34
N LYS B 263 16.33 -41.56 0.34
CA LYS B 263 16.86 -41.90 1.65
C LYS B 263 15.93 -41.41 2.76
N TYR B 264 16.05 -42.04 3.93
CA TYR B 264 15.47 -41.55 5.17
C TYR B 264 16.59 -41.26 6.18
N PRO B 265 16.44 -40.24 7.00
CA PRO B 265 17.42 -40.03 8.08
C PRO B 265 17.20 -41.04 9.20
N GLU B 266 18.30 -41.39 9.87
CA GLU B 266 18.31 -42.42 10.93
C GLU B 266 17.86 -41.80 12.26
N ILE B 267 16.56 -41.55 12.35
CA ILE B 267 15.97 -41.02 13.58
C ILE B 267 14.66 -41.72 13.84
N PRO B 268 14.24 -41.76 15.10
CA PRO B 268 12.99 -42.47 15.44
C PRO B 268 11.79 -41.81 14.76
N GLY B 269 10.89 -42.66 14.24
CA GLY B 269 9.64 -42.21 13.66
C GLY B 269 9.69 -41.87 12.18
N ALA B 270 10.88 -41.76 11.59
CA ALA B 270 11.00 -41.26 10.22
C ALA B 270 10.31 -42.19 9.22
N VAL B 271 10.70 -43.47 9.21
CA VAL B 271 10.12 -44.42 8.28
C VAL B 271 8.65 -44.67 8.60
N GLU B 272 8.31 -44.72 9.89
CA GLU B 272 6.94 -45.04 10.29
C GLU B 272 5.96 -43.94 9.93
N TYR B 273 6.33 -42.67 10.14
CA TYR B 273 5.32 -41.62 10.10
C TYR B 273 5.55 -40.55 9.02
N GLY B 274 6.73 -40.48 8.40
CA GLY B 274 6.97 -39.56 7.30
C GLY B 274 6.75 -40.21 5.94
N ILE B 275 6.78 -39.38 4.88
CA ILE B 275 6.68 -39.86 3.50
C ILE B 275 7.81 -39.26 2.67
N THR B 276 7.95 -39.73 1.43
CA THR B 276 8.87 -39.12 0.47
C THR B 276 8.12 -38.70 -0.79
N SER B 277 8.89 -38.13 -1.73
CA SER B 277 8.35 -37.82 -3.05
C SER B 277 7.73 -39.05 -3.71
N ASP B 278 8.22 -40.25 -3.40
CA ASP B 278 7.63 -41.49 -3.94
C ASP B 278 6.14 -41.61 -3.62
N ASP B 279 5.72 -41.15 -2.44
CA ASP B 279 4.34 -41.24 -1.98
C ASP B 279 3.51 -40.01 -2.32
N LEU B 280 4.16 -38.84 -2.54
CA LEU B 280 3.43 -37.58 -2.58
C LEU B 280 2.52 -37.48 -3.80
N PHE B 281 2.98 -37.99 -4.95
CA PHE B 281 2.32 -37.75 -6.23
C PHE B 281 1.06 -38.59 -6.44
N SER B 282 0.82 -39.62 -5.63
CA SER B 282 -0.47 -40.30 -5.64
C SER B 282 -1.18 -40.25 -4.28
N LEU B 283 -0.85 -39.27 -3.43
CA LEU B 283 -1.43 -39.24 -2.08
C LEU B 283 -2.93 -38.99 -2.14
N PRO B 284 -3.74 -39.82 -1.47
CA PRO B 284 -5.20 -39.65 -1.61
C PRO B 284 -5.79 -38.46 -0.87
N TYR B 285 -5.08 -37.86 0.08
CA TYR B 285 -5.56 -36.71 0.84
C TYR B 285 -4.61 -35.52 0.66
N PHE B 286 -5.14 -34.30 0.73
CA PHE B 286 -4.27 -33.13 0.76
C PHE B 286 -3.33 -33.23 1.96
N PRO B 287 -2.04 -32.94 1.80
CA PRO B 287 -1.11 -33.09 2.93
C PRO B 287 -1.43 -32.22 4.15
N GLY B 288 -2.07 -31.07 3.96
CA GLY B 288 -2.32 -30.17 5.07
C GLY B 288 -1.07 -29.40 5.48
N LYS B 289 -1.01 -29.00 6.76
CA LYS B 289 0.18 -28.34 7.28
C LYS B 289 1.37 -29.27 7.15
N THR B 290 2.37 -28.86 6.36
CA THR B 290 3.42 -29.75 5.91
C THR B 290 4.79 -29.23 6.32
N LEU B 291 5.65 -30.15 6.75
CA LEU B 291 7.05 -29.88 6.97
C LEU B 291 7.88 -30.61 5.92
N VAL B 292 8.74 -29.89 5.21
CA VAL B 292 9.67 -30.49 4.27
C VAL B 292 11.06 -30.42 4.86
N ILE B 293 11.72 -31.58 4.99
CA ILE B 293 13.05 -31.70 5.57
C ILE B 293 14.05 -31.93 4.43
N GLY B 294 14.97 -30.99 4.26
CA GLY B 294 15.96 -31.04 3.19
C GLY B 294 15.92 -29.78 2.33
N ALA B 295 16.93 -29.66 1.46
CA ALA B 295 17.06 -28.42 0.69
C ALA B 295 17.53 -28.64 -0.75
N SER B 296 17.39 -29.85 -1.27
CA SER B 296 17.64 -30.20 -2.66
C SER B 296 16.58 -29.58 -3.60
N TYR B 297 16.78 -29.73 -4.92
CA TYR B 297 15.73 -29.24 -5.81
C TYR B 297 14.42 -29.96 -5.58
N VAL B 298 14.46 -31.25 -5.20
CA VAL B 298 13.21 -31.96 -4.88
C VAL B 298 12.49 -31.27 -3.74
N ALA B 299 13.19 -31.00 -2.64
CA ALA B 299 12.61 -30.33 -1.48
C ALA B 299 11.94 -29.01 -1.88
N LEU B 300 12.67 -28.14 -2.59
CA LEU B 300 12.16 -26.79 -2.83
C LEU B 300 11.03 -26.79 -3.86
N GLU B 301 11.12 -27.67 -4.87
CA GLU B 301 10.04 -27.74 -5.86
C GLU B 301 8.74 -28.18 -5.22
N CYS B 302 8.80 -29.17 -4.33
CA CYS B 302 7.58 -29.66 -3.68
C CYS B 302 7.02 -28.63 -2.70
N ALA B 303 7.87 -28.04 -1.86
CA ALA B 303 7.39 -26.99 -0.97
C ALA B 303 6.73 -25.88 -1.76
N GLY B 304 7.33 -25.54 -2.90
CA GLY B 304 6.83 -24.42 -3.69
C GLY B 304 5.42 -24.59 -4.21
N PHE B 305 5.12 -25.72 -4.87
CA PHE B 305 3.76 -25.85 -5.37
C PHE B 305 2.75 -26.13 -4.25
N LEU B 306 3.14 -26.86 -3.20
CA LEU B 306 2.24 -27.03 -2.06
C LEU B 306 1.79 -25.69 -1.50
N ALA B 307 2.69 -24.72 -1.43
CA ALA B 307 2.31 -23.41 -0.92
C ALA B 307 1.37 -22.70 -1.90
N SER B 308 1.65 -22.84 -3.20
CA SER B 308 0.81 -22.22 -4.23
C SER B 308 -0.59 -22.82 -4.28
N LEU B 309 -0.74 -24.09 -3.87
CA LEU B 309 -2.05 -24.71 -3.81
C LEU B 309 -2.78 -24.42 -2.50
N GLY B 310 -2.23 -23.55 -1.65
CA GLY B 310 -2.88 -23.15 -0.42
C GLY B 310 -2.39 -23.82 0.85
N GLY B 311 -1.32 -24.58 0.79
CA GLY B 311 -0.83 -25.22 1.98
C GLY B 311 0.00 -24.31 2.88
N ASP B 312 0.12 -24.74 4.13
CA ASP B 312 0.97 -24.10 5.15
C ASP B 312 2.25 -24.92 5.21
N VAL B 313 3.35 -24.36 4.69
CA VAL B 313 4.55 -25.14 4.37
C VAL B 313 5.76 -24.56 5.09
N THR B 314 6.56 -25.44 5.69
CA THR B 314 7.83 -25.09 6.31
C THR B 314 8.92 -25.98 5.73
N VAL B 315 10.11 -25.40 5.50
CA VAL B 315 11.28 -26.14 5.03
C VAL B 315 12.35 -26.05 6.11
N MET B 316 12.90 -27.21 6.52
CA MET B 316 13.98 -27.30 7.51
C MET B 316 15.30 -27.52 6.77
N VAL B 317 16.19 -26.52 6.84
CA VAL B 317 17.45 -26.49 6.12
C VAL B 317 18.61 -26.77 7.09
N ARG B 318 19.36 -27.82 6.82
CA ARG B 318 20.51 -28.16 7.66
C ARG B 318 21.65 -27.16 7.47
N SER B 319 21.99 -26.82 6.21
CA SER B 319 23.07 -25.87 5.94
C SER B 319 22.73 -24.84 4.86
N ILE B 320 22.78 -25.21 3.58
CA ILE B 320 22.51 -24.26 2.49
C ILE B 320 21.42 -24.80 1.56
N LEU B 321 20.87 -23.90 0.75
CA LEU B 321 19.92 -24.28 -0.30
C LEU B 321 20.67 -24.74 -1.54
N LEU B 322 20.17 -25.82 -2.16
CA LEU B 322 20.64 -26.25 -3.49
C LEU B 322 22.16 -26.41 -3.54
N ARG B 323 22.71 -27.22 -2.61
CA ARG B 323 24.15 -27.45 -2.60
C ARG B 323 24.61 -27.99 -3.97
N GLY B 324 25.73 -27.45 -4.47
CA GLY B 324 26.23 -27.78 -5.79
C GLY B 324 25.80 -26.84 -6.90
N PHE B 325 24.79 -25.99 -6.67
CA PHE B 325 24.39 -24.96 -7.62
C PHE B 325 24.97 -23.60 -7.19
N ASP B 326 25.05 -22.69 -8.15
CA ASP B 326 25.45 -21.29 -7.89
C ASP B 326 24.70 -20.71 -6.68
N GLN B 327 25.45 -20.29 -5.64
CA GLN B 327 24.78 -19.96 -4.38
C GLN B 327 24.09 -18.59 -4.41
N GLN B 328 24.57 -17.63 -5.22
CA GLN B 328 23.80 -16.40 -5.33
C GLN B 328 22.41 -16.65 -5.90
N MET B 329 22.32 -17.48 -6.93
CA MET B 329 21.04 -17.84 -7.54
C MET B 329 20.17 -18.64 -6.58
N ALA B 330 20.77 -19.58 -5.83
CA ALA B 330 20.00 -20.37 -4.86
C ALA B 330 19.35 -19.49 -3.81
N GLU B 331 20.07 -18.47 -3.33
CA GLU B 331 19.52 -17.57 -2.33
C GLU B 331 18.38 -16.73 -2.90
N LYS B 332 18.49 -16.31 -4.18
CA LYS B 332 17.37 -15.59 -4.79
C LYS B 332 16.13 -16.47 -4.91
N VAL B 333 16.32 -17.76 -5.24
CA VAL B 333 15.20 -18.70 -5.32
C VAL B 333 14.47 -18.77 -3.99
N GLY B 334 15.21 -18.99 -2.89
CA GLY B 334 14.59 -19.08 -1.57
C GLY B 334 13.96 -17.77 -1.11
N ASP B 335 14.60 -16.64 -1.40
CA ASP B 335 14.03 -15.33 -1.06
C ASP B 335 12.65 -15.16 -1.69
N TYR B 336 12.50 -15.57 -2.94
CA TYR B 336 11.21 -15.44 -3.61
C TYR B 336 10.16 -16.31 -2.92
N MET B 337 10.50 -17.58 -2.65
CA MET B 337 9.48 -18.40 -2.03
C MET B 337 9.12 -17.95 -0.62
N GLU B 338 10.08 -17.37 0.12
CA GLU B 338 9.76 -16.84 1.45
C GLU B 338 8.83 -15.65 1.37
N ASN B 339 9.00 -14.80 0.36
CA ASN B 339 8.13 -13.64 0.19
C ASN B 339 6.73 -14.05 -0.22
N HIS B 340 6.59 -15.22 -0.83
CA HIS B 340 5.29 -15.74 -1.22
C HIS B 340 4.80 -16.86 -0.30
N GLY B 341 5.28 -16.90 0.94
CA GLY B 341 4.60 -17.65 1.98
C GLY B 341 5.27 -18.91 2.49
N VAL B 342 6.34 -19.42 1.86
CA VAL B 342 7.04 -20.55 2.45
C VAL B 342 7.87 -20.06 3.63
N LYS B 343 7.80 -20.79 4.75
CA LYS B 343 8.60 -20.50 5.93
C LYS B 343 9.86 -21.38 5.94
N PHE B 344 10.98 -20.81 6.39
CA PHE B 344 12.25 -21.53 6.44
C PHE B 344 12.78 -21.58 7.87
N ALA B 345 13.14 -22.78 8.33
CA ALA B 345 13.86 -22.97 9.60
C ALA B 345 15.31 -23.27 9.26
N LYS B 346 16.18 -22.27 9.43
CA LYS B 346 17.56 -22.32 8.97
C LYS B 346 18.47 -22.95 10.03
N LEU B 347 19.55 -23.58 9.55
CA LEU B 347 20.55 -24.25 10.38
C LEU B 347 19.92 -25.18 11.43
N CYS B 348 19.10 -26.11 10.93
CA CYS B 348 18.19 -26.90 11.77
C CYS B 348 18.09 -28.32 11.23
N VAL B 349 18.18 -29.32 12.11
CA VAL B 349 18.05 -30.74 11.74
C VAL B 349 17.04 -31.44 12.64
N PRO B 350 16.38 -32.52 12.20
CA PRO B 350 15.39 -33.19 13.04
C PRO B 350 15.98 -34.29 13.91
N ASP B 351 15.33 -34.52 15.05
CA ASP B 351 15.74 -35.54 16.04
C ASP B 351 14.77 -36.72 16.18
N GLU B 352 13.47 -36.47 16.16
CA GLU B 352 12.49 -37.55 16.24
C GLU B 352 11.15 -37.04 15.71
N ILE B 353 10.33 -37.98 15.22
CA ILE B 353 8.95 -37.73 14.84
C ILE B 353 8.06 -38.58 15.74
N LYS B 354 7.05 -37.98 16.35
CA LYS B 354 6.09 -38.71 17.19
C LYS B 354 4.71 -38.65 16.56
N GLN B 355 3.99 -39.77 16.64
CA GLN B 355 2.62 -39.84 16.15
C GLN B 355 1.63 -39.36 17.20
N LEU B 356 0.78 -38.41 16.81
CA LEU B 356 -0.33 -37.95 17.63
C LEU B 356 -1.68 -38.43 17.14
N LYS B 357 -1.84 -38.61 15.84
CA LYS B 357 -3.03 -39.17 15.22
C LYS B 357 -2.61 -40.05 14.05
N VAL B 358 -3.25 -41.21 13.93
CA VAL B 358 -3.06 -42.11 12.80
C VAL B 358 -3.81 -41.55 11.60
N VAL B 359 -3.27 -41.80 10.40
CA VAL B 359 -3.92 -41.35 9.17
C VAL B 359 -5.33 -41.93 9.07
N ASP B 360 -6.31 -41.07 8.79
CA ASP B 360 -7.72 -41.44 8.70
C ASP B 360 -8.01 -41.91 7.28
N THR B 361 -7.77 -43.19 7.04
CA THR B 361 -7.89 -43.71 5.69
C THR B 361 -9.35 -43.81 5.22
N GLU B 362 -10.31 -43.80 6.14
CA GLU B 362 -11.72 -43.83 5.76
C GLU B 362 -12.13 -42.50 5.15
N ASN B 363 -12.14 -41.46 5.99
CA ASN B 363 -12.62 -40.13 5.65
C ASN B 363 -11.57 -39.30 4.90
N ASN B 364 -10.46 -39.92 4.51
CA ASN B 364 -9.50 -39.33 3.58
C ASN B 364 -8.86 -38.06 4.16
N LYS B 365 -8.16 -38.26 5.28
CA LYS B 365 -7.60 -37.20 6.08
C LYS B 365 -6.22 -37.58 6.57
N PRO B 366 -5.29 -36.63 6.64
CA PRO B 366 -3.96 -36.93 7.18
C PRO B 366 -4.04 -37.18 8.68
N GLY B 367 -2.95 -37.73 9.21
CA GLY B 367 -2.76 -37.85 10.64
C GLY B 367 -2.30 -36.55 11.26
N LEU B 368 -1.53 -36.68 12.34
CA LEU B 368 -0.96 -35.53 13.04
C LEU B 368 0.32 -35.97 13.75
N LEU B 369 1.35 -35.15 13.66
CA LEU B 369 2.69 -35.53 14.08
C LEU B 369 3.33 -34.41 14.89
N LEU B 370 4.26 -34.79 15.78
CA LEU B 370 5.04 -33.82 16.55
C LEU B 370 6.51 -33.98 16.17
N VAL B 371 7.10 -32.92 15.63
CA VAL B 371 8.50 -32.95 15.20
C VAL B 371 9.35 -32.23 16.23
N LYS B 372 10.43 -32.87 16.67
CA LYS B 372 11.37 -32.29 17.60
C LYS B 372 12.75 -32.28 16.96
N GLY B 373 13.45 -31.16 17.09
CA GLY B 373 14.75 -31.01 16.49
C GLY B 373 15.53 -29.91 17.17
N HIS B 374 16.68 -29.58 16.61
CA HIS B 374 17.54 -28.58 17.24
C HIS B 374 18.35 -27.79 16.21
N TYR B 375 18.65 -26.54 16.58
CA TYR B 375 19.41 -25.59 15.78
C TYR B 375 20.92 -25.74 16.01
N THR B 376 21.69 -25.23 15.05
CA THR B 376 23.12 -25.51 15.00
C THR B 376 23.89 -24.95 16.19
N ASP B 377 23.32 -23.99 16.92
CA ASP B 377 23.99 -23.44 18.08
C ASP B 377 23.51 -24.04 19.40
N GLY B 378 22.40 -24.76 19.39
CA GLY B 378 21.91 -25.43 20.59
C GLY B 378 20.43 -25.35 20.89
N LYS B 379 19.75 -24.25 20.52
CA LYS B 379 18.35 -24.14 20.87
C LYS B 379 17.51 -25.19 20.15
N LYS B 380 16.24 -25.27 20.55
CA LYS B 380 15.38 -26.40 20.24
C LYS B 380 14.29 -26.03 19.25
N PHE B 381 13.87 -27.02 18.46
CA PHE B 381 12.74 -26.92 17.56
C PHE B 381 11.69 -27.94 18.01
N GLU B 382 10.43 -27.48 18.13
CA GLU B 382 9.31 -28.37 18.44
C GLU B 382 8.04 -27.79 17.85
N GLU B 383 7.36 -28.54 16.98
CA GLU B 383 6.14 -28.06 16.34
C GLU B 383 5.37 -29.22 15.71
N GLU B 384 4.07 -29.05 15.56
CA GLU B 384 3.18 -30.09 15.04
C GLU B 384 2.92 -29.86 13.55
N PHE B 385 2.88 -30.96 12.80
CA PHE B 385 2.52 -30.92 11.38
C PHE B 385 1.62 -32.11 11.07
N GLU B 386 0.82 -31.97 10.01
CA GLU B 386 -0.01 -33.08 9.57
C GLU B 386 0.77 -34.04 8.66
N THR B 387 1.72 -33.53 7.88
CA THR B 387 2.53 -34.35 6.99
C THR B 387 3.99 -33.93 7.12
N VAL B 388 4.90 -34.91 7.08
CA VAL B 388 6.33 -34.63 7.08
C VAL B 388 6.94 -35.33 5.88
N ILE B 389 7.59 -34.57 5.01
CA ILE B 389 8.16 -35.10 3.76
C ILE B 389 9.67 -35.03 3.86
N PHE B 390 10.34 -36.17 3.70
CA PHE B 390 11.79 -36.19 3.66
C PHE B 390 12.29 -36.11 2.22
N ALA B 391 13.17 -35.15 1.97
CA ALA B 391 13.91 -35.07 0.70
C ALA B 391 15.36 -34.79 1.06
N VAL B 392 16.06 -35.83 1.53
CA VAL B 392 17.45 -35.68 1.97
C VAL B 392 18.37 -36.52 1.10
N GLY B 393 18.01 -36.69 -0.16
CA GLY B 393 18.89 -37.33 -1.12
C GLY B 393 18.38 -38.69 -1.54
N ARG B 394 19.10 -39.26 -2.54
CA ARG B 394 18.72 -40.52 -3.17
C ARG B 394 19.97 -41.39 -3.31
N GLU B 395 19.78 -42.71 -3.33
CA GLU B 395 20.90 -43.64 -3.40
C GLU B 395 20.50 -44.90 -4.15
N PRO B 396 21.44 -45.57 -4.81
CA PRO B 396 21.15 -46.88 -5.39
C PRO B 396 21.33 -47.97 -4.33
N GLN B 397 20.92 -49.17 -4.66
CA GLN B 397 21.17 -50.27 -3.73
C GLN B 397 21.58 -51.49 -4.55
N LEU B 398 22.78 -51.40 -5.11
CA LEU B 398 23.21 -52.39 -6.08
C LEU B 398 23.51 -53.74 -5.46
N SER B 399 23.65 -53.82 -4.13
CA SER B 399 23.76 -55.12 -3.49
C SER B 399 22.53 -55.97 -3.78
N LYS B 400 21.34 -55.35 -3.90
CA LYS B 400 20.18 -56.09 -4.37
C LYS B 400 20.36 -56.59 -5.80
N VAL B 401 20.97 -55.76 -6.65
CA VAL B 401 20.96 -56.01 -8.09
C VAL B 401 22.11 -56.90 -8.54
N LEU B 402 23.25 -56.85 -7.85
CA LEU B 402 24.53 -57.26 -8.42
C LEU B 402 25.33 -58.06 -7.39
N CYS B 403 25.65 -59.31 -7.73
CA CYS B 403 26.44 -60.15 -6.84
C CYS B 403 27.90 -59.71 -6.89
N GLU B 404 28.53 -59.58 -5.71
CA GLU B 404 29.90 -59.12 -5.62
C GLU B 404 30.88 -60.05 -6.30
N THR B 405 30.53 -61.33 -6.47
CA THR B 405 31.46 -62.25 -7.12
C THR B 405 31.58 -61.99 -8.62
N VAL B 406 30.61 -61.30 -9.23
CA VAL B 406 30.66 -61.05 -10.67
C VAL B 406 31.87 -60.20 -11.03
N GLY B 407 32.26 -59.27 -10.16
CA GLY B 407 33.43 -58.46 -10.41
C GLY B 407 33.19 -57.04 -10.89
N VAL B 408 31.99 -56.49 -10.72
CA VAL B 408 31.72 -55.13 -11.19
C VAL B 408 32.13 -54.15 -10.11
N LYS B 409 33.11 -53.32 -10.41
CA LYS B 409 33.63 -52.30 -9.51
C LYS B 409 32.63 -51.21 -9.21
N LEU B 410 32.38 -50.93 -7.92
CA LEU B 410 31.64 -49.77 -7.47
C LEU B 410 32.58 -48.75 -6.81
N ASP B 411 32.09 -47.52 -6.68
CA ASP B 411 32.83 -46.47 -6.02
C ASP B 411 32.42 -46.38 -4.55
N LYS B 412 32.87 -45.33 -3.85
CA LYS B 412 32.62 -45.19 -2.42
C LYS B 412 31.16 -44.89 -2.12
N ASN B 413 30.44 -44.27 -3.05
CA ASN B 413 29.03 -43.98 -2.91
C ASN B 413 28.13 -45.15 -3.29
N GLY B 414 28.69 -46.20 -3.88
CA GLY B 414 27.89 -47.31 -4.35
C GLY B 414 27.46 -47.23 -5.80
N ARG B 415 28.03 -46.32 -6.58
CA ARG B 415 27.71 -46.22 -7.99
C ARG B 415 28.76 -46.93 -8.83
N VAL B 416 28.39 -47.24 -10.07
CA VAL B 416 29.18 -48.11 -10.93
C VAL B 416 30.27 -47.29 -11.63
N VAL B 417 31.50 -47.79 -11.55
CA VAL B 417 32.65 -47.14 -12.19
C VAL B 417 32.70 -47.60 -13.64
N CYS B 418 32.65 -46.66 -14.58
CA CYS B 418 32.51 -46.99 -16.00
C CYS B 418 33.56 -46.26 -16.82
N THR B 419 33.89 -46.84 -17.98
CA THR B 419 34.67 -46.13 -18.97
C THR B 419 33.80 -45.11 -19.69
N ASP B 420 34.40 -44.35 -20.61
CA ASP B 420 33.63 -43.32 -21.31
C ASP B 420 32.69 -43.90 -22.37
N ASP B 421 32.61 -45.22 -22.51
CA ASP B 421 31.59 -45.85 -23.35
C ASP B 421 30.65 -46.71 -22.52
N GLU B 422 30.53 -46.39 -21.22
CA GLU B 422 29.66 -47.00 -20.24
C GLU B 422 30.03 -48.43 -19.86
N GLN B 423 31.19 -48.94 -20.32
CA GLN B 423 31.62 -50.30 -19.98
C GLN B 423 32.07 -50.41 -18.52
N THR B 424 31.63 -51.49 -17.85
CA THR B 424 32.08 -51.76 -16.48
C THR B 424 33.42 -52.50 -16.51
N THR B 425 33.87 -52.96 -15.34
CA THR B 425 35.05 -53.83 -15.20
C THR B 425 34.79 -55.25 -15.70
N VAL B 426 33.58 -55.59 -16.12
CA VAL B 426 33.27 -56.86 -16.75
C VAL B 426 32.88 -56.56 -18.20
N SER B 427 33.61 -57.17 -19.13
CA SER B 427 33.68 -56.66 -20.49
C SER B 427 32.31 -56.58 -21.19
N ASN B 428 31.37 -57.47 -20.87
CA ASN B 428 30.09 -57.51 -21.55
C ASN B 428 28.96 -56.79 -20.80
N VAL B 429 29.27 -56.14 -19.67
CA VAL B 429 28.28 -55.50 -18.82
C VAL B 429 28.52 -54.00 -18.82
N TYR B 430 27.42 -53.24 -18.87
CA TYR B 430 27.41 -51.79 -19.02
C TYR B 430 26.43 -51.20 -18.02
N ALA B 431 26.60 -49.91 -17.72
CA ALA B 431 25.75 -49.21 -16.77
C ALA B 431 25.40 -47.84 -17.32
N ILE B 432 24.14 -47.41 -17.14
CA ILE B 432 23.65 -46.13 -17.66
C ILE B 432 22.73 -45.46 -16.63
N GLY B 433 22.53 -44.14 -16.81
CA GLY B 433 21.59 -43.43 -15.94
C GLY B 433 22.17 -43.07 -14.59
N ASP B 434 21.30 -42.97 -13.58
CA ASP B 434 21.71 -42.45 -12.27
C ASP B 434 22.78 -43.32 -11.58
N ILE B 435 22.85 -44.64 -11.88
CA ILE B 435 23.85 -45.48 -11.20
C ILE B 435 25.25 -45.39 -11.80
N ASN B 436 25.43 -44.71 -12.94
CA ASN B 436 26.74 -44.52 -13.57
C ASN B 436 27.49 -43.42 -12.82
N ALA B 437 28.58 -43.79 -12.13
CA ALA B 437 29.25 -42.87 -11.21
C ALA B 437 29.76 -41.62 -11.91
N GLY B 438 29.56 -40.46 -11.25
CA GLY B 438 30.12 -39.21 -11.70
C GLY B 438 29.34 -38.47 -12.78
N LYS B 439 28.21 -39.03 -13.28
CA LYS B 439 27.49 -38.41 -14.38
C LYS B 439 26.28 -37.61 -13.88
N PRO B 440 25.85 -36.57 -14.60
CA PRO B 440 24.65 -35.81 -14.19
C PRO B 440 23.44 -36.73 -14.15
N GLN B 441 22.66 -36.62 -13.09
CA GLN B 441 21.56 -37.55 -12.85
C GLN B 441 20.25 -36.95 -13.38
N LEU B 442 20.03 -37.12 -14.68
CA LEU B 442 18.97 -36.42 -15.40
C LEU B 442 18.35 -37.33 -16.45
N THR B 443 17.05 -37.16 -16.69
CA THR B 443 16.36 -38.05 -17.63
C THR B 443 16.90 -37.96 -19.05
N PRO B 444 17.08 -36.79 -19.66
CA PRO B 444 17.59 -36.78 -21.05
C PRO B 444 19.00 -37.35 -21.18
N VAL B 445 19.82 -37.25 -20.13
CA VAL B 445 21.15 -37.87 -20.14
C VAL B 445 21.04 -39.39 -20.22
N ALA B 446 20.20 -39.97 -19.35
CA ALA B 446 20.00 -41.42 -19.36
C ALA B 446 19.51 -41.91 -20.73
N ILE B 447 18.63 -41.13 -21.36
CA ILE B 447 18.07 -41.53 -22.66
C ILE B 447 19.13 -41.47 -23.74
N GLN B 448 19.91 -40.38 -23.79
CA GLN B 448 20.97 -40.29 -24.79
C GLN B 448 22.01 -41.40 -24.60
N ALA B 449 22.39 -41.68 -23.35
CA ALA B 449 23.39 -42.72 -23.11
C ALA B 449 22.89 -44.09 -23.56
N GLY B 450 21.64 -44.42 -23.20
CA GLY B 450 21.06 -45.70 -23.59
C GLY B 450 20.92 -45.88 -25.08
N ARG B 451 20.43 -44.86 -25.79
CA ARG B 451 20.28 -45.02 -27.24
C ARG B 451 21.63 -45.07 -27.95
N TYR B 452 22.58 -44.21 -27.55
CA TYR B 452 23.88 -44.20 -28.20
C TYR B 452 24.63 -45.52 -27.96
N LEU B 453 24.54 -46.06 -26.73
CA LEU B 453 25.18 -47.35 -26.41
C LEU B 453 24.60 -48.48 -27.25
N ALA B 454 23.27 -48.54 -27.36
CA ALA B 454 22.63 -49.57 -28.17
C ALA B 454 23.12 -49.54 -29.62
N ARG B 455 23.37 -48.34 -30.15
CA ARG B 455 23.83 -48.22 -31.53
C ARG B 455 25.27 -48.70 -31.67
N ARG B 456 26.12 -48.44 -30.67
CA ARG B 456 27.50 -48.92 -30.71
C ARG B 456 27.53 -50.45 -30.63
N LEU B 457 26.69 -51.05 -29.77
CA LEU B 457 26.72 -52.50 -29.62
C LEU B 457 26.24 -53.21 -30.87
N PHE B 458 25.16 -52.73 -31.48
CA PHE B 458 24.47 -53.53 -32.47
C PHE B 458 24.41 -52.95 -33.88
N ALA B 459 24.91 -51.74 -34.10
CA ALA B 459 24.89 -51.16 -35.44
C ALA B 459 26.26 -50.66 -35.89
N GLY B 460 27.32 -50.93 -35.13
CA GLY B 460 28.63 -50.44 -35.54
C GLY B 460 28.85 -48.96 -35.37
N ALA B 461 28.02 -48.27 -34.59
CA ALA B 461 28.21 -46.84 -34.42
C ALA B 461 29.43 -46.57 -33.53
N THR B 462 29.92 -45.33 -33.59
CA THR B 462 31.09 -44.90 -32.83
C THR B 462 30.83 -43.70 -31.91
N GLU B 463 29.73 -42.98 -32.09
CA GLU B 463 29.46 -41.76 -31.32
C GLU B 463 29.31 -42.06 -29.82
N LEU B 464 30.01 -41.28 -28.99
CA LEU B 464 29.91 -41.33 -27.54
C LEU B 464 28.96 -40.26 -27.01
N THR B 465 28.48 -40.46 -25.78
CA THR B 465 27.65 -39.48 -25.10
C THR B 465 28.54 -38.39 -24.48
N ASP B 466 28.21 -37.12 -24.73
CA ASP B 466 28.94 -36.00 -24.15
C ASP B 466 28.25 -35.55 -22.86
N TYR B 467 28.95 -35.65 -21.74
CA TYR B 467 28.38 -35.34 -20.44
C TYR B 467 28.73 -33.93 -19.93
N SER B 468 29.38 -33.08 -20.74
CA SER B 468 29.82 -31.78 -20.25
C SER B 468 28.79 -30.69 -20.54
N ASN B 469 28.72 -29.71 -19.64
CA ASN B 469 27.88 -28.52 -19.82
C ASN B 469 26.41 -28.87 -20.11
N VAL B 470 25.86 -29.87 -19.40
CA VAL B 470 24.45 -30.23 -19.58
C VAL B 470 23.58 -29.25 -18.80
N ALA B 471 22.62 -28.63 -19.50
CA ALA B 471 21.79 -27.59 -18.89
C ALA B 471 20.76 -28.19 -17.93
N THR B 472 20.32 -27.39 -16.95
CA THR B 472 19.35 -27.84 -15.94
C THR B 472 18.27 -26.77 -15.75
N THR B 473 17.13 -27.17 -15.19
CA THR B 473 16.18 -26.20 -14.69
C THR B 473 15.52 -26.72 -13.42
N VAL B 474 15.50 -25.84 -12.40
CA VAL B 474 14.82 -26.09 -11.14
C VAL B 474 13.45 -25.41 -11.21
N PHE B 475 12.37 -26.19 -11.06
CA PHE B 475 11.02 -25.66 -11.27
C PHE B 475 10.38 -25.22 -9.95
N THR B 476 11.08 -24.31 -9.28
CA THR B 476 10.54 -23.56 -8.17
C THR B 476 9.49 -22.56 -8.65
N PRO B 477 8.69 -21.99 -7.73
CA PRO B 477 7.65 -21.01 -8.15
C PRO B 477 8.15 -19.92 -9.08
N LEU B 478 9.35 -19.38 -8.85
CA LEU B 478 10.11 -18.69 -9.89
C LEU B 478 11.25 -19.61 -10.31
N GLU B 479 11.26 -20.02 -11.58
CA GLU B 479 12.14 -21.06 -12.10
C GLU B 479 13.57 -20.56 -12.31
N TYR B 480 14.52 -21.49 -12.18
CA TYR B 480 15.95 -21.19 -12.28
C TYR B 480 16.63 -22.12 -13.28
N GLY B 481 17.06 -21.57 -14.41
CA GLY B 481 17.73 -22.32 -15.46
C GLY B 481 19.22 -22.01 -15.46
N ALA B 482 20.03 -23.02 -15.77
CA ALA B 482 21.48 -22.84 -15.76
C ALA B 482 22.16 -23.76 -16.77
N CYS B 483 23.29 -23.30 -17.31
CA CYS B 483 24.13 -24.13 -18.17
C CYS B 483 25.60 -23.77 -17.94
N GLY B 484 26.40 -24.73 -17.50
CA GLY B 484 27.81 -24.50 -17.29
C GLY B 484 28.20 -24.26 -15.85
N LEU B 485 29.28 -23.50 -15.62
CA LEU B 485 29.82 -23.34 -14.28
C LEU B 485 29.06 -22.30 -13.47
N SER B 486 28.90 -22.57 -12.17
CA SER B 486 28.55 -21.49 -11.24
C SER B 486 29.68 -20.47 -11.19
N GLU B 487 29.35 -19.28 -10.67
CA GLU B 487 30.35 -18.22 -10.58
C GLU B 487 31.49 -18.61 -9.63
N GLU B 488 31.15 -19.21 -8.49
CA GLU B 488 32.21 -19.60 -7.53
C GLU B 488 33.12 -20.69 -8.09
N ASP B 489 32.56 -21.65 -8.86
CA ASP B 489 33.43 -22.68 -9.44
C ASP B 489 34.35 -22.12 -10.53
N ALA B 490 33.89 -21.11 -11.27
CA ALA B 490 34.76 -20.49 -12.26
C ALA B 490 35.88 -19.70 -11.58
N ILE B 491 35.55 -18.99 -10.50
CA ILE B 491 36.59 -18.23 -9.80
C ILE B 491 37.63 -19.18 -9.21
N GLU B 492 37.17 -20.26 -8.57
CA GLU B 492 38.09 -21.26 -8.02
C GLU B 492 39.02 -21.82 -9.10
N LYS B 493 38.48 -22.12 -10.28
CA LYS B 493 39.25 -22.81 -11.32
C LYS B 493 40.23 -21.90 -12.05
N TYR B 494 39.88 -20.62 -12.25
CA TYR B 494 40.70 -19.71 -13.06
C TYR B 494 41.22 -18.50 -12.31
N GLY B 495 40.73 -18.21 -11.10
CA GLY B 495 41.14 -17.02 -10.37
C GLY B 495 40.26 -15.81 -10.65
N ASP B 496 40.05 -14.98 -9.61
CA ASP B 496 39.10 -13.87 -9.72
C ASP B 496 39.49 -12.85 -10.79
N LYS B 497 40.79 -12.62 -10.99
CA LYS B 497 41.20 -11.62 -11.96
C LYS B 497 40.91 -12.04 -13.41
N ASP B 498 40.71 -13.34 -13.66
CA ASP B 498 40.45 -13.82 -15.02
C ASP B 498 38.96 -14.05 -15.29
N ILE B 499 38.08 -13.67 -14.37
CA ILE B 499 36.64 -13.88 -14.52
C ILE B 499 35.96 -12.53 -14.60
N GLU B 500 35.11 -12.34 -15.62
CA GLU B 500 34.26 -11.17 -15.75
C GLU B 500 32.81 -11.63 -15.73
N VAL B 501 31.95 -10.92 -15.00
CA VAL B 501 30.54 -11.28 -14.87
C VAL B 501 29.66 -10.13 -15.33
N TYR B 502 28.87 -10.38 -16.39
CA TYR B 502 27.85 -9.45 -16.87
C TYR B 502 26.49 -9.84 -16.31
N HIS B 503 25.71 -8.87 -15.83
CA HIS B 503 24.45 -9.25 -15.17
C HIS B 503 23.43 -8.12 -15.28
N SER B 504 22.16 -8.47 -15.05
CA SER B 504 21.07 -7.48 -15.10
C SER B 504 19.81 -8.05 -14.43
N ASN B 505 19.06 -7.19 -13.75
CA ASN B 505 17.67 -7.50 -13.43
C ASN B 505 16.80 -7.30 -14.68
N PHE B 506 15.59 -7.86 -14.65
CA PHE B 506 14.59 -7.57 -15.66
C PHE B 506 13.20 -7.77 -15.07
N LYS B 507 12.20 -7.29 -15.82
CA LYS B 507 10.79 -7.45 -15.47
C LYS B 507 10.07 -7.99 -16.68
N PRO B 508 9.36 -9.11 -16.58
CA PRO B 508 8.59 -9.61 -17.75
C PRO B 508 7.50 -8.62 -18.10
N LEU B 509 7.30 -8.39 -19.41
CA LEU B 509 6.23 -7.51 -19.84
C LEU B 509 4.88 -7.92 -19.23
N GLU B 510 4.67 -9.23 -19.09
CA GLU B 510 3.45 -9.78 -18.49
C GLU B 510 3.27 -9.33 -17.05
N TRP B 511 4.35 -8.98 -16.34
CA TRP B 511 4.25 -8.58 -14.94
C TRP B 511 3.89 -7.10 -14.75
N THR B 512 3.88 -6.28 -15.81
CA THR B 512 3.68 -4.85 -15.63
C THR B 512 2.23 -4.55 -15.26
N VAL B 513 1.30 -4.90 -16.16
CA VAL B 513 -0.12 -4.67 -15.90
C VAL B 513 -0.61 -5.48 -14.70
N ALA B 514 0.04 -6.60 -14.38
CA ALA B 514 -0.34 -7.43 -13.24
C ALA B 514 0.23 -6.92 -11.92
N HIS B 515 1.03 -5.84 -11.92
CA HIS B 515 1.57 -5.24 -10.67
C HIS B 515 2.43 -6.22 -9.86
N ARG B 516 3.28 -6.98 -10.55
CA ARG B 516 4.24 -7.86 -9.89
C ARG B 516 5.59 -7.14 -9.75
N GLU B 517 6.56 -7.80 -9.13
CA GLU B 517 7.78 -7.14 -8.63
C GLU B 517 8.70 -6.65 -9.77
N ASP B 518 9.38 -5.51 -9.51
CA ASP B 518 10.20 -4.84 -10.52
C ASP B 518 11.59 -5.49 -10.70
N ASN B 519 12.25 -5.85 -9.61
CA ASN B 519 13.68 -6.18 -9.65
C ASN B 519 13.94 -7.51 -8.97
N VAL B 520 13.19 -8.54 -9.33
CA VAL B 520 13.37 -9.86 -8.77
C VAL B 520 13.93 -10.84 -9.79
N CYS B 521 13.42 -10.82 -11.03
CA CYS B 521 14.03 -11.64 -12.07
C CYS B 521 15.45 -11.13 -12.35
N TYR B 522 16.34 -12.04 -12.75
CA TYR B 522 17.78 -11.74 -12.74
C TYR B 522 18.51 -12.73 -13.64
N MET B 523 19.58 -12.25 -14.29
CA MET B 523 20.32 -13.09 -15.23
C MET B 523 21.80 -12.67 -15.24
N LYS B 524 22.68 -13.63 -15.54
CA LYS B 524 24.10 -13.32 -15.59
C LYS B 524 24.86 -14.31 -16.48
N LEU B 525 25.98 -13.82 -17.03
CA LEU B 525 26.94 -14.61 -17.81
C LEU B 525 28.30 -14.54 -17.13
N VAL B 526 28.87 -15.70 -16.82
CA VAL B 526 30.18 -15.80 -16.18
C VAL B 526 31.19 -16.11 -17.28
N CYS B 527 32.18 -15.23 -17.49
CA CYS B 527 33.06 -15.28 -18.66
C CYS B 527 34.54 -15.32 -18.26
N ARG B 528 35.36 -15.91 -19.14
CA ARG B 528 36.81 -16.01 -18.94
C ARG B 528 37.54 -14.98 -19.80
N LYS B 529 38.19 -14.01 -19.14
CA LYS B 529 38.82 -12.90 -19.85
C LYS B 529 39.88 -13.39 -20.84
N SER B 530 40.78 -14.26 -20.37
CA SER B 530 41.95 -14.64 -21.18
C SER B 530 41.61 -15.61 -22.30
N ASP B 531 40.36 -16.05 -22.42
CA ASP B 531 39.97 -16.92 -23.53
C ASP B 531 38.87 -16.24 -24.34
N ASN B 532 39.10 -14.97 -24.71
CA ASN B 532 38.22 -14.23 -25.60
C ASN B 532 36.82 -14.01 -25.00
N MET B 533 36.72 -13.92 -23.67
CA MET B 533 35.43 -13.75 -22.98
C MET B 533 34.47 -14.90 -23.27
N ARG B 534 35.03 -16.11 -23.36
CA ARG B 534 34.27 -17.36 -23.43
C ARG B 534 33.21 -17.41 -22.33
N VAL B 535 31.99 -17.79 -22.70
CA VAL B 535 30.90 -17.94 -21.72
C VAL B 535 31.12 -19.27 -20.99
N LEU B 536 31.51 -19.20 -19.71
CA LEU B 536 31.71 -20.40 -18.90
C LEU B 536 30.42 -20.91 -18.28
N GLY B 537 29.50 -20.00 -17.96
CA GLY B 537 28.26 -20.35 -17.29
C GLY B 537 27.18 -19.30 -17.53
N LEU B 538 25.95 -19.75 -17.76
CA LEU B 538 24.78 -18.90 -17.96
C LEU B 538 23.75 -19.24 -16.90
N HIS B 539 23.11 -18.21 -16.33
CA HIS B 539 22.16 -18.36 -15.22
C HIS B 539 20.97 -17.40 -15.44
N VAL B 540 19.75 -17.90 -15.23
CA VAL B 540 18.56 -17.03 -15.33
C VAL B 540 17.50 -17.46 -14.31
N LEU B 541 16.96 -16.48 -13.58
CA LEU B 541 15.85 -16.65 -12.66
C LEU B 541 14.65 -15.89 -13.24
N GLY B 542 13.56 -16.60 -13.56
CA GLY B 542 12.44 -15.98 -14.24
C GLY B 542 11.43 -16.97 -14.75
N PRO B 543 10.28 -16.48 -15.24
CA PRO B 543 9.29 -17.39 -15.81
C PRO B 543 9.85 -18.13 -17.03
N ASN B 544 9.36 -19.36 -17.23
CA ASN B 544 9.73 -20.19 -18.39
C ASN B 544 11.25 -20.35 -18.52
N ALA B 545 11.95 -20.48 -17.37
CA ALA B 545 13.41 -20.51 -17.40
C ALA B 545 13.98 -21.66 -18.23
N GLY B 546 13.28 -22.81 -18.28
CA GLY B 546 13.77 -23.93 -19.07
C GLY B 546 13.66 -23.69 -20.56
N GLU B 547 12.55 -23.09 -21.01
CA GLU B 547 12.46 -22.71 -22.42
C GLU B 547 13.51 -21.63 -22.75
N ILE B 548 13.79 -20.72 -21.81
CA ILE B 548 14.80 -19.69 -22.08
C ILE B 548 16.18 -20.32 -22.29
N THR B 549 16.58 -21.20 -21.37
CA THR B 549 17.95 -21.70 -21.32
C THR B 549 18.30 -22.69 -22.44
N GLN B 550 17.34 -23.52 -22.88
CA GLN B 550 17.67 -24.66 -23.74
C GLN B 550 18.50 -24.26 -24.96
N GLY B 551 18.04 -23.25 -25.69
CA GLY B 551 18.69 -22.91 -26.95
C GLY B 551 20.12 -22.45 -26.75
N TYR B 552 20.38 -21.72 -25.66
CA TYR B 552 21.74 -21.30 -25.39
C TYR B 552 22.67 -22.48 -25.11
N ALA B 553 22.15 -23.63 -24.65
CA ALA B 553 23.01 -24.78 -24.41
C ALA B 553 23.71 -25.24 -25.69
N VAL B 554 23.07 -25.08 -26.86
CA VAL B 554 23.74 -25.37 -28.13
C VAL B 554 24.89 -24.40 -28.37
N ALA B 555 24.66 -23.10 -28.17
CA ALA B 555 25.75 -22.13 -28.35
C ALA B 555 26.92 -22.40 -27.41
N ILE B 556 26.63 -22.72 -26.14
CA ILE B 556 27.70 -23.00 -25.19
C ILE B 556 28.47 -24.27 -25.58
N LYS B 557 27.75 -25.29 -26.08
CA LYS B 557 28.43 -26.49 -26.60
C LYS B 557 29.43 -26.12 -27.70
N MET B 558 29.08 -25.14 -28.54
CA MET B 558 29.91 -24.68 -29.65
C MET B 558 31.00 -23.69 -29.25
N GLY B 559 31.11 -23.32 -27.97
CA GLY B 559 32.13 -22.38 -27.53
C GLY B 559 31.78 -20.91 -27.65
N ALA B 560 30.52 -20.55 -27.41
CA ALA B 560 30.10 -19.14 -27.51
C ALA B 560 30.93 -18.24 -26.61
N THR B 561 31.21 -17.03 -27.10
CA THR B 561 31.86 -15.93 -26.40
C THR B 561 30.86 -14.81 -26.16
N LYS B 562 31.24 -13.83 -25.33
CA LYS B 562 30.38 -12.66 -25.14
C LYS B 562 30.12 -11.94 -26.46
N ALA B 563 31.14 -11.84 -27.33
CA ALA B 563 30.92 -11.20 -28.62
C ALA B 563 29.84 -11.93 -29.43
N ASP B 564 29.75 -13.26 -29.33
CA ASP B 564 28.68 -13.96 -30.04
C ASP B 564 27.29 -13.53 -29.52
N PHE B 565 27.17 -13.38 -28.20
CA PHE B 565 25.89 -12.89 -27.65
C PHE B 565 25.60 -11.45 -28.11
N ASP B 566 26.63 -10.61 -28.17
CA ASP B 566 26.45 -9.20 -28.55
C ASP B 566 26.01 -9.05 -30.01
N ARG B 567 26.63 -9.83 -30.91
CA ARG B 567 26.32 -9.66 -32.33
C ARG B 567 24.98 -10.29 -32.72
N THR B 568 24.41 -11.17 -31.89
CA THR B 568 23.09 -11.73 -32.18
C THR B 568 22.00 -10.73 -31.74
N ILE B 569 20.94 -10.60 -32.54
CA ILE B 569 19.88 -9.62 -32.27
C ILE B 569 18.76 -10.25 -31.42
N GLY B 570 18.18 -9.44 -30.52
CA GLY B 570 17.09 -9.94 -29.69
C GLY B 570 15.77 -10.07 -30.46
N ILE B 571 14.90 -10.94 -29.92
CA ILE B 571 13.47 -11.01 -30.26
C ILE B 571 12.68 -10.25 -29.22
N HIS B 572 11.84 -9.31 -29.66
CA HIS B 572 11.12 -8.38 -28.77
C HIS B 572 9.62 -8.50 -28.97
N PRO B 573 8.80 -8.51 -27.89
CA PRO B 573 9.20 -8.44 -26.47
C PRO B 573 9.36 -9.84 -25.84
N THR B 574 10.51 -10.19 -25.27
CA THR B 574 10.70 -11.46 -24.57
C THR B 574 11.57 -11.23 -23.34
N CYS B 575 11.55 -12.19 -22.41
CA CYS B 575 12.53 -12.16 -21.34
C CYS B 575 13.91 -12.54 -21.87
N SER B 576 13.98 -13.54 -22.75
CA SER B 576 15.27 -14.08 -23.18
C SER B 576 16.16 -13.03 -23.85
N GLU B 577 15.55 -12.05 -24.53
CA GLU B 577 16.35 -11.07 -25.29
C GLU B 577 17.33 -10.29 -24.41
N THR B 578 17.06 -10.18 -23.10
CA THR B 578 17.98 -9.47 -22.21
C THR B 578 19.39 -10.05 -22.27
N PHE B 579 19.56 -11.32 -22.65
CA PHE B 579 20.89 -11.90 -22.80
C PHE B 579 21.68 -11.28 -23.95
N THR B 580 21.02 -10.67 -24.96
CA THR B 580 21.71 -10.16 -26.14
C THR B 580 22.29 -8.75 -25.94
N THR B 581 21.97 -8.06 -24.83
CA THR B 581 22.44 -6.69 -24.64
C THR B 581 23.06 -6.45 -23.25
N LEU B 582 23.57 -7.47 -22.58
CA LEU B 582 24.15 -7.28 -21.26
C LEU B 582 25.40 -6.40 -21.32
N HIS B 583 25.59 -5.55 -20.30
CA HIS B 583 26.75 -4.66 -20.35
C HIS B 583 27.31 -4.28 -18.97
N VAL B 584 26.50 -4.33 -17.93
CA VAL B 584 26.97 -4.00 -16.58
C VAL B 584 27.81 -5.16 -16.04
N THR B 585 29.06 -4.88 -15.66
CA THR B 585 29.89 -5.91 -15.03
C THR B 585 29.82 -5.80 -13.51
N LYS B 586 30.08 -6.93 -12.84
CA LYS B 586 30.16 -6.91 -11.38
C LYS B 586 31.35 -6.08 -10.92
N LYS B 587 32.48 -6.14 -11.63
CA LYS B 587 33.66 -5.41 -11.20
C LYS B 587 33.43 -3.90 -11.19
N SER B 588 32.56 -3.41 -12.08
CA SER B 588 32.30 -1.98 -12.19
C SER B 588 31.56 -1.43 -10.98
N GLY B 589 30.81 -2.26 -10.27
CA GLY B 589 30.02 -1.76 -9.16
C GLY B 589 28.72 -1.08 -9.51
N VAL B 590 28.36 -1.01 -10.79
CA VAL B 590 27.13 -0.35 -11.20
C VAL B 590 25.94 -1.24 -10.90
N SER B 591 24.85 -0.64 -10.45
CA SER B 591 23.65 -1.40 -10.09
C SER B 591 23.12 -2.19 -11.28
N PRO B 592 22.66 -3.44 -11.08
CA PRO B 592 21.95 -4.15 -12.14
C PRO B 592 20.46 -3.87 -12.23
N ILE B 593 19.90 -2.99 -11.40
CA ILE B 593 18.44 -2.81 -11.41
C ILE B 593 18.01 -2.07 -12.68
N VAL B 594 16.71 -2.07 -12.94
CA VAL B 594 16.18 -1.41 -14.11
C VAL B 594 15.24 -0.27 -13.73
#